data_1D80
# 
_entry.id   1D80 
# 
_audit_conform.dict_name       mmcif_pdbx.dic 
_audit_conform.dict_version    5.385 
_audit_conform.dict_location   http://mmcif.pdb.org/dictionaries/ascii/mmcif_pdbx.dic 
# 
loop_
_database_2.database_id 
_database_2.database_code 
_database_2.pdbx_database_accession 
_database_2.pdbx_DOI 
PDB   1D80         pdb_00001d80 10.2210/pdb1d80/pdb 
RCSB  BDL046       ?            ?                   
WWPDB D_1000172678 ?            ?                   
# 
loop_
_pdbx_audit_revision_history.ordinal 
_pdbx_audit_revision_history.data_content_type 
_pdbx_audit_revision_history.major_revision 
_pdbx_audit_revision_history.minor_revision 
_pdbx_audit_revision_history.revision_date 
1 'Structure model' 1 0 1993-07-15 
2 'Structure model' 1 1 2008-05-22 
3 'Structure model' 1 2 2011-07-13 
4 'Structure model' 1 3 2024-02-07 
# 
_pdbx_audit_revision_details.ordinal             1 
_pdbx_audit_revision_details.revision_ordinal    1 
_pdbx_audit_revision_details.data_content_type   'Structure model' 
_pdbx_audit_revision_details.provider            repository 
_pdbx_audit_revision_details.type                'Initial release' 
_pdbx_audit_revision_details.description         ? 
_pdbx_audit_revision_details.details             ? 
# 
loop_
_pdbx_audit_revision_group.ordinal 
_pdbx_audit_revision_group.revision_ordinal 
_pdbx_audit_revision_group.data_content_type 
_pdbx_audit_revision_group.group 
1 2 'Structure model' 'Version format compliance' 
2 3 'Structure model' 'Version format compliance' 
3 4 'Structure model' 'Data collection'           
4 4 'Structure model' 'Database references'       
# 
loop_
_pdbx_audit_revision_category.ordinal 
_pdbx_audit_revision_category.revision_ordinal 
_pdbx_audit_revision_category.data_content_type 
_pdbx_audit_revision_category.category 
1 4 'Structure model' chem_comp_atom 
2 4 'Structure model' chem_comp_bond 
3 4 'Structure model' database_2     
# 
loop_
_pdbx_audit_revision_item.ordinal 
_pdbx_audit_revision_item.revision_ordinal 
_pdbx_audit_revision_item.data_content_type 
_pdbx_audit_revision_item.item 
1 4 'Structure model' '_database_2.pdbx_DOI'                
2 4 'Structure model' '_database_2.pdbx_database_accession' 
# 
_pdbx_database_status.status_code                     REL 
_pdbx_database_status.entry_id                        1D80 
_pdbx_database_status.recvd_initial_deposition_date   1992-06-17 
_pdbx_database_status.deposit_site                    BNL 
_pdbx_database_status.process_site                    NDB 
_pdbx_database_status.status_code_sf                  REL 
_pdbx_database_status.status_code_mr                  ? 
_pdbx_database_status.SG_entry                        ? 
_pdbx_database_status.pdb_format_compatible           Y 
_pdbx_database_status.status_code_cs                  ? 
_pdbx_database_status.status_code_nmr_data            ? 
_pdbx_database_status.methods_development_category    ? 
# 
loop_
_audit_author.name 
_audit_author.pdbx_ordinal 
'Skelly, J.V.'  1 
'Edwards, K.J.' 2 
'Jenkins, T.C.' 3 
'Neidle, S.'    4 
# 
_citation.id                        primary 
_citation.title                     
'Crystal structure of an oligonucleotide duplex containing G.G base pairs: influence of mispairing on DNA backbone conformation.' 
_citation.journal_abbrev            Proc.Natl.Acad.Sci.USA 
_citation.journal_volume            90 
_citation.page_first                804 
_citation.page_last                 808 
_citation.year                      1993 
_citation.journal_id_ASTM           PNASA6 
_citation.country                   US 
_citation.journal_id_ISSN           0027-8424 
_citation.journal_id_CSD            0040 
_citation.book_publisher            ? 
_citation.pdbx_database_id_PubMed   8430089 
_citation.pdbx_database_id_DOI      10.1073/pnas.90.3.804 
# 
loop_
_citation_author.citation_id 
_citation_author.name 
_citation_author.ordinal 
_citation_author.identifier_ORCID 
primary 'Skelly, J.V.'  1 ? 
primary 'Edwards, K.J.' 2 ? 
primary 'Jenkins, T.C.' 3 ? 
primary 'Neidle, S.'    4 ? 
# 
loop_
_entity.id 
_entity.type 
_entity.src_method 
_entity.pdbx_description 
_entity.formula_weight 
_entity.pdbx_number_of_molecules 
_entity.pdbx_ec 
_entity.pdbx_mutation 
_entity.pdbx_fragment 
_entity.details 
1 polymer syn 
;DNA (5'-D(*CP*GP*CP*GP*AP*AP*TP*TP*GP*GP*CP*G)-3')
;
3703.416 2  ? ? ? ? 
2 water   nat water                                                18.015   72 ? ? ? ? 
# 
_entity_poly.entity_id                      1 
_entity_poly.type                           polydeoxyribonucleotide 
_entity_poly.nstd_linkage                   no 
_entity_poly.nstd_monomer                   no 
_entity_poly.pdbx_seq_one_letter_code       '(DC)(DG)(DC)(DG)(DA)(DA)(DT)(DT)(DG)(DG)(DC)(DG)' 
_entity_poly.pdbx_seq_one_letter_code_can   CGCGAATTGGCG 
_entity_poly.pdbx_strand_id                 A,B 
_entity_poly.pdbx_target_identifier         ? 
# 
_pdbx_entity_nonpoly.entity_id   2 
_pdbx_entity_nonpoly.name        water 
_pdbx_entity_nonpoly.comp_id     HOH 
# 
loop_
_entity_poly_seq.entity_id 
_entity_poly_seq.num 
_entity_poly_seq.mon_id 
_entity_poly_seq.hetero 
1 1  DC n 
1 2  DG n 
1 3  DC n 
1 4  DG n 
1 5  DA n 
1 6  DA n 
1 7  DT n 
1 8  DT n 
1 9  DG n 
1 10 DG n 
1 11 DC n 
1 12 DG n 
# 
loop_
_chem_comp.id 
_chem_comp.type 
_chem_comp.mon_nstd_flag 
_chem_comp.name 
_chem_comp.pdbx_synonyms 
_chem_comp.formula 
_chem_comp.formula_weight 
DA  'DNA linking' y "2'-DEOXYADENOSINE-5'-MONOPHOSPHATE" ? 'C10 H14 N5 O6 P' 331.222 
DC  'DNA linking' y "2'-DEOXYCYTIDINE-5'-MONOPHOSPHATE"  ? 'C9 H14 N3 O7 P'  307.197 
DG  'DNA linking' y "2'-DEOXYGUANOSINE-5'-MONOPHOSPHATE" ? 'C10 H14 N5 O7 P' 347.221 
DT  'DNA linking' y "THYMIDINE-5'-MONOPHOSPHATE"         ? 'C10 H15 N2 O8 P' 322.208 
HOH non-polymer   . WATER                                ? 'H2 O'            18.015  
# 
loop_
_pdbx_poly_seq_scheme.asym_id 
_pdbx_poly_seq_scheme.entity_id 
_pdbx_poly_seq_scheme.seq_id 
_pdbx_poly_seq_scheme.mon_id 
_pdbx_poly_seq_scheme.ndb_seq_num 
_pdbx_poly_seq_scheme.pdb_seq_num 
_pdbx_poly_seq_scheme.auth_seq_num 
_pdbx_poly_seq_scheme.pdb_mon_id 
_pdbx_poly_seq_scheme.auth_mon_id 
_pdbx_poly_seq_scheme.pdb_strand_id 
_pdbx_poly_seq_scheme.pdb_ins_code 
_pdbx_poly_seq_scheme.hetero 
A 1 1  DC 1  1  1  DC C A . n 
A 1 2  DG 2  2  2  DG G A . n 
A 1 3  DC 3  3  3  DC C A . n 
A 1 4  DG 4  4  4  DG G A . n 
A 1 5  DA 5  5  5  DA A A . n 
A 1 6  DA 6  6  6  DA A A . n 
A 1 7  DT 7  7  7  DT T A . n 
A 1 8  DT 8  8  8  DT T A . n 
A 1 9  DG 9  9  9  DG G A . n 
A 1 10 DG 10 10 10 DG G A . n 
A 1 11 DC 11 11 11 DC C A . n 
A 1 12 DG 12 12 12 DG G A . n 
B 1 1  DC 1  13 13 DC C B . n 
B 1 2  DG 2  14 14 DG G B . n 
B 1 3  DC 3  15 15 DC C B . n 
B 1 4  DG 4  16 16 DG G B . n 
B 1 5  DA 5  17 17 DA A B . n 
B 1 6  DA 6  18 18 DA A B . n 
B 1 7  DT 7  19 19 DT T B . n 
B 1 8  DT 8  20 20 DT T B . n 
B 1 9  DG 9  21 21 DG G B . n 
B 1 10 DG 10 22 22 DG G B . n 
B 1 11 DC 11 23 23 DC C B . n 
B 1 12 DG 12 24 24 DG G B . n 
# 
loop_
_pdbx_nonpoly_scheme.asym_id 
_pdbx_nonpoly_scheme.entity_id 
_pdbx_nonpoly_scheme.mon_id 
_pdbx_nonpoly_scheme.ndb_seq_num 
_pdbx_nonpoly_scheme.pdb_seq_num 
_pdbx_nonpoly_scheme.auth_seq_num 
_pdbx_nonpoly_scheme.pdb_mon_id 
_pdbx_nonpoly_scheme.auth_mon_id 
_pdbx_nonpoly_scheme.pdb_strand_id 
_pdbx_nonpoly_scheme.pdb_ins_code 
C 2 HOH 1  25 25 HOH HOH A . 
C 2 HOH 2  27 27 HOH HOH A . 
C 2 HOH 3  29 29 HOH HOH A . 
C 2 HOH 4  30 30 HOH HOH A . 
C 2 HOH 5  31 31 HOH HOH A . 
C 2 HOH 6  32 32 HOH HOH A . 
C 2 HOH 7  36 36 HOH HOH A . 
C 2 HOH 8  37 37 HOH HOH A . 
C 2 HOH 9  38 38 HOH HOH A . 
C 2 HOH 10 39 39 HOH HOH A . 
C 2 HOH 11 41 41 HOH HOH A . 
C 2 HOH 12 42 42 HOH HOH A . 
C 2 HOH 13 43 43 HOH HOH A . 
C 2 HOH 14 44 44 HOH HOH A . 
C 2 HOH 15 45 45 HOH HOH A . 
C 2 HOH 16 46 46 HOH HOH A . 
C 2 HOH 17 51 51 HOH HOH A . 
C 2 HOH 18 52 52 HOH HOH A . 
C 2 HOH 19 53 53 HOH HOH A . 
C 2 HOH 20 54 54 HOH HOH A . 
C 2 HOH 21 55 55 HOH HOH A . 
C 2 HOH 22 58 58 HOH HOH A . 
C 2 HOH 23 59 59 HOH HOH A . 
C 2 HOH 24 63 63 HOH HOH A . 
C 2 HOH 25 65 65 HOH HOH A . 
C 2 HOH 26 66 66 HOH HOH A . 
C 2 HOH 27 68 68 HOH HOH A . 
C 2 HOH 28 69 69 HOH HOH A . 
C 2 HOH 29 70 70 HOH HOH A . 
C 2 HOH 30 75 75 HOH HOH A . 
C 2 HOH 31 76 76 HOH HOH A . 
C 2 HOH 32 77 77 HOH HOH A . 
C 2 HOH 33 78 78 HOH HOH A . 
C 2 HOH 34 79 79 HOH HOH A . 
C 2 HOH 35 80 80 HOH HOH A . 
C 2 HOH 36 81 81 HOH HOH A . 
C 2 HOH 37 83 83 HOH HOH A . 
C 2 HOH 38 84 84 HOH HOH A . 
C 2 HOH 39 92 92 HOH HOH A . 
C 2 HOH 40 93 93 HOH HOH A . 
C 2 HOH 41 94 94 HOH HOH A . 
C 2 HOH 42 96 96 HOH HOH A . 
D 2 HOH 1  26 26 HOH HOH B . 
D 2 HOH 2  28 28 HOH HOH B . 
D 2 HOH 3  33 33 HOH HOH B . 
D 2 HOH 4  34 34 HOH HOH B . 
D 2 HOH 5  35 35 HOH HOH B . 
D 2 HOH 6  40 40 HOH HOH B . 
D 2 HOH 7  47 47 HOH HOH B . 
D 2 HOH 8  48 48 HOH HOH B . 
D 2 HOH 9  49 49 HOH HOH B . 
D 2 HOH 10 50 50 HOH HOH B . 
D 2 HOH 11 56 56 HOH HOH B . 
D 2 HOH 12 57 57 HOH HOH B . 
D 2 HOH 13 60 60 HOH HOH B . 
D 2 HOH 14 61 61 HOH HOH B . 
D 2 HOH 15 62 62 HOH HOH B . 
D 2 HOH 16 64 64 HOH HOH B . 
D 2 HOH 17 67 67 HOH HOH B . 
D 2 HOH 18 71 71 HOH HOH B . 
D 2 HOH 19 72 72 HOH HOH B . 
D 2 HOH 20 73 73 HOH HOH B . 
D 2 HOH 21 74 74 HOH HOH B . 
D 2 HOH 22 82 82 HOH HOH B . 
D 2 HOH 23 85 85 HOH HOH B . 
D 2 HOH 24 86 86 HOH HOH B . 
D 2 HOH 25 87 87 HOH HOH B . 
D 2 HOH 26 88 88 HOH HOH B . 
D 2 HOH 27 89 89 HOH HOH B . 
D 2 HOH 28 90 90 HOH HOH B . 
D 2 HOH 29 91 91 HOH HOH B . 
D 2 HOH 30 95 95 HOH HOH B . 
# 
_software.name             NUCLSQ 
_software.classification   refinement 
_software.version          . 
_software.citation_id      ? 
_software.pdbx_ordinal     1 
# 
_cell.entry_id           1D80 
_cell.length_a           25.440 
_cell.length_b           41.580 
_cell.length_c           66.100 
_cell.angle_alpha        90.00 
_cell.angle_beta         90.00 
_cell.angle_gamma        90.00 
_cell.Z_PDB              8 
_cell.pdbx_unique_axis   ? 
# 
_symmetry.entry_id                         1D80 
_symmetry.space_group_name_H-M             'P 21 21 21' 
_symmetry.pdbx_full_space_group_name_H-M   ? 
_symmetry.cell_setting                     ? 
_symmetry.Int_Tables_number                19 
# 
_exptl.entry_id          1D80 
_exptl.method            'X-RAY DIFFRACTION' 
_exptl.crystals_number   ? 
# 
_exptl_crystal.id                    1 
_exptl_crystal.density_meas          ? 
_exptl_crystal.density_Matthews      2.36 
_exptl_crystal.density_percent_sol   47.88 
_exptl_crystal.description           ? 
# 
_exptl_crystal_grow.crystal_id      1 
_exptl_crystal_grow.method          'VAPOR DIFFUSION' 
_exptl_crystal_grow.temp            279.00 
_exptl_crystal_grow.temp_details    ? 
_exptl_crystal_grow.pH              7.00 
_exptl_crystal_grow.pdbx_details    'pH 7.00, VAPOR DIFFUSION, temperature 279.00K' 
_exptl_crystal_grow.pdbx_pH_range   ? 
# 
loop_
_exptl_crystal_grow_comp.crystal_id 
_exptl_crystal_grow_comp.id 
_exptl_crystal_grow_comp.sol_id 
_exptl_crystal_grow_comp.name 
_exptl_crystal_grow_comp.volume 
_exptl_crystal_grow_comp.conc 
_exptl_crystal_grow_comp.details 
1 1 1 WATER           ? ? ? 
1 2 1 SPERMINE        ? ? ? 
1 3 1 MGCL2           ? ? ? 
1 4 1 'NA CACODYLATE' ? ? ? 
1 5 2 WATER           ? ? ? 
1 6 2 MPD             ? ? ? 
# 
_diffrn.id                     1 
_diffrn.ambient_temp           283.00 
_diffrn.ambient_temp_details   ? 
_diffrn.crystal_id             1 
# 
_diffrn_detector.diffrn_id              1 
_diffrn_detector.detector               'AREA DETECTOR' 
_diffrn_detector.type                   XENTRONICS 
_diffrn_detector.pdbx_collection_date   ? 
_diffrn_detector.details                ? 
# 
_diffrn_radiation.diffrn_id                        1 
_diffrn_radiation.wavelength_id                    1 
_diffrn_radiation.pdbx_monochromatic_or_laue_m_l   ? 
_diffrn_radiation.monochromator                    ? 
_diffrn_radiation.pdbx_diffrn_protocol             ? 
_diffrn_radiation.pdbx_scattering_type             x-ray 
# 
_diffrn_radiation_wavelength.id           1 
_diffrn_radiation_wavelength.wavelength   . 
_diffrn_radiation_wavelength.wt           1.0 
# 
_diffrn_source.diffrn_id                   1 
_diffrn_source.source                      'ROTATING ANODE' 
_diffrn_source.type                        'ENRAF-NONIUS FR571' 
_diffrn_source.pdbx_synchrotron_site       ? 
_diffrn_source.pdbx_synchrotron_beamline   ? 
_diffrn_source.pdbx_wavelength             ? 
_diffrn_source.pdbx_wavelength_list        ? 
# 
_reflns.entry_id                     1D80 
_reflns.observed_criterion_sigma_I   ? 
_reflns.observed_criterion_sigma_F   ? 
_reflns.d_resolution_low             ? 
_reflns.d_resolution_high            2.200 
_reflns.number_obs                   3811 
_reflns.number_all                   8732 
_reflns.percent_possible_obs         ? 
_reflns.pdbx_Rmerge_I_obs            ? 
_reflns.pdbx_Rsym_value              ? 
_reflns.pdbx_netI_over_sigmaI        ? 
_reflns.B_iso_Wilson_estimate        ? 
_reflns.pdbx_redundancy              ? 
_reflns.pdbx_diffrn_id               1 
_reflns.pdbx_ordinal                 1 
# 
_refine.entry_id                                 1D80 
_refine.ls_number_reflns_obs                     2365 
_refine.ls_number_reflns_all                     ? 
_refine.pdbx_ls_sigma_I                          2.000 
_refine.pdbx_ls_sigma_F                          ? 
_refine.pdbx_data_cutoff_high_absF               ? 
_refine.pdbx_data_cutoff_low_absF                ? 
_refine.pdbx_data_cutoff_high_rms_absF           ? 
_refine.ls_d_res_low                             8.000 
_refine.ls_d_res_high                            2.200 
_refine.ls_percent_reflns_obs                    ? 
_refine.ls_R_factor_obs                          0.1880000 
_refine.ls_R_factor_all                          ? 
_refine.ls_R_factor_R_work                       ? 
_refine.ls_R_factor_R_free                       ? 
_refine.ls_R_factor_R_free_error                 ? 
_refine.ls_R_factor_R_free_error_details         ? 
_refine.ls_percent_reflns_R_free                 ? 
_refine.ls_number_reflns_R_free                  ? 
_refine.ls_number_parameters                     ? 
_refine.ls_number_restraints                     ? 
_refine.occupancy_min                            ? 
_refine.occupancy_max                            ? 
_refine.B_iso_mean                               ? 
_refine.aniso_B[1][1]                            ? 
_refine.aniso_B[2][2]                            ? 
_refine.aniso_B[3][3]                            ? 
_refine.aniso_B[1][2]                            ? 
_refine.aniso_B[1][3]                            ? 
_refine.aniso_B[2][3]                            ? 
_refine.solvent_model_details                    ? 
_refine.solvent_model_param_ksol                 ? 
_refine.solvent_model_param_bsol                 ? 
_refine.pdbx_ls_cross_valid_method               ? 
_refine.details                                  ? 
_refine.pdbx_starting_model                      ? 
_refine.pdbx_method_to_determine_struct          ? 
_refine.pdbx_isotropic_thermal_model             ? 
_refine.pdbx_stereochemistry_target_values       ? 
_refine.pdbx_stereochem_target_val_spec_case     ? 
_refine.pdbx_R_Free_selection_details            ? 
_refine.pdbx_overall_ESU_R                       ? 
_refine.pdbx_overall_ESU_R_Free                  ? 
_refine.overall_SU_ML                            ? 
_refine.overall_SU_B                             ? 
_refine.pdbx_refine_id                           'X-RAY DIFFRACTION' 
_refine.pdbx_diffrn_id                           1 
_refine.pdbx_TLS_residual_ADP_flag               ? 
_refine.correlation_coeff_Fo_to_Fc               ? 
_refine.correlation_coeff_Fo_to_Fc_free          ? 
_refine.pdbx_solvent_vdw_probe_radii             ? 
_refine.pdbx_solvent_ion_probe_radii             ? 
_refine.pdbx_solvent_shrinkage_radii             ? 
_refine.pdbx_overall_phase_error                 ? 
_refine.overall_SU_R_Cruickshank_DPI             ? 
_refine.pdbx_overall_SU_R_free_Cruickshank_DPI   ? 
_refine.pdbx_overall_SU_R_Blow_DPI               ? 
_refine.pdbx_overall_SU_R_free_Blow_DPI          ? 
# 
_refine_hist.pdbx_refine_id                   'X-RAY DIFFRACTION' 
_refine_hist.cycle_id                         LAST 
_refine_hist.pdbx_number_atoms_protein        0 
_refine_hist.pdbx_number_atoms_nucleic_acid   492 
_refine_hist.pdbx_number_atoms_ligand         0 
_refine_hist.number_atoms_solvent             72 
_refine_hist.number_atoms_total               564 
_refine_hist.d_res_high                       2.200 
_refine_hist.d_res_low                        8.000 
# 
loop_
_refine_ls_restr.type 
_refine_ls_restr.dev_ideal 
_refine_ls_restr.dev_ideal_target 
_refine_ls_restr.weight 
_refine_ls_restr.number 
_refine_ls_restr.pdbx_refine_id 
_refine_ls_restr.pdbx_restraint_function 
n_bond_d               ?     ?     ? ? 'X-RAY DIFFRACTION' ? 
n_angle_d              ?     ?     ? ? 'X-RAY DIFFRACTION' ? 
n_planar_d             ?     ?     ? ? 'X-RAY DIFFRACTION' ? 
n_hb_or_metal_coord    ?     ?     ? ? 'X-RAY DIFFRACTION' ? 
n_sugar_bond_it        4.100 5.000 ? ? 'X-RAY DIFFRACTION' ? 
n_sugar_angle_it       5.700 7.500 ? ? 'X-RAY DIFFRACTION' ? 
n_phos_bond_it         5.789 7.500 ? ? 'X-RAY DIFFRACTION' ? 
n_phos_angle_it        6.602 10.00 ? ? 'X-RAY DIFFRACTION' ? 
n_bond_angle_restr     ?     ?     ? ? 'X-RAY DIFFRACTION' ? 
n_dihedral_angle_restr ?     ?     ? ? 'X-RAY DIFFRACTION' ? 
n_impr_tor             ?     ?     ? ? 'X-RAY DIFFRACTION' ? 
n_sugar_bond_d         0.013 0.025 ? ? 'X-RAY DIFFRACTION' ? 
n_sugar_bond_angle_d   0.031 0.040 ? ? 'X-RAY DIFFRACTION' ? 
n_phos_bond_d          0.058 0.050 ? ? 'X-RAY DIFFRACTION' ? 
n_phos_bond_angle_d    0.068 0.075 ? ? 'X-RAY DIFFRACTION' ? 
n_plane_restr          0.019 0.030 ? ? 'X-RAY DIFFRACTION' ? 
n_chiral_restr         0.072 0.100 ? ? 'X-RAY DIFFRACTION' ? 
n_singtor_nbd          0.187 0.250 ? ? 'X-RAY DIFFRACTION' ? 
n_multtor_nbd          0.235 0.250 ? ? 'X-RAY DIFFRACTION' ? 
n_xhyhbond_nbd         ?     ?     ? ? 'X-RAY DIFFRACTION' ? 
# 
_struct.entry_id                  1D80 
_struct.title                     
'CRYSTAL STRUCTURE OF AN OLIGONUCLEOTIDE DUPLEX CONTAINING G.G BASE-PAIRS: THE INFLUENCE OF MISPAIRING ON DNA BACKBONE CONFORMATION' 
_struct.pdbx_model_details        ? 
_struct.pdbx_CASP_flag            ? 
_struct.pdbx_model_type_details   ? 
# 
_struct_keywords.entry_id        1D80 
_struct_keywords.pdbx_keywords   DNA 
_struct_keywords.text            'B-DNA, DOUBLE HELIX, MISMATCHED, DNA' 
# 
loop_
_struct_asym.id 
_struct_asym.pdbx_blank_PDB_chainid_flag 
_struct_asym.pdbx_modified 
_struct_asym.entity_id 
_struct_asym.details 
A N N 1 ? 
B N N 1 ? 
C N N 2 ? 
D N N 2 ? 
# 
_struct_ref.id                         1 
_struct_ref.entity_id                  1 
_struct_ref.db_name                    PDB 
_struct_ref.db_code                    1D80 
_struct_ref.pdbx_db_accession          1D80 
_struct_ref.pdbx_db_isoform            ? 
_struct_ref.pdbx_seq_one_letter_code   ? 
_struct_ref.pdbx_align_begin           ? 
# 
loop_
_struct_ref_seq.align_id 
_struct_ref_seq.ref_id 
_struct_ref_seq.pdbx_PDB_id_code 
_struct_ref_seq.pdbx_strand_id 
_struct_ref_seq.seq_align_beg 
_struct_ref_seq.pdbx_seq_align_beg_ins_code 
_struct_ref_seq.seq_align_end 
_struct_ref_seq.pdbx_seq_align_end_ins_code 
_struct_ref_seq.pdbx_db_accession 
_struct_ref_seq.db_align_beg 
_struct_ref_seq.pdbx_db_align_beg_ins_code 
_struct_ref_seq.db_align_end 
_struct_ref_seq.pdbx_db_align_end_ins_code 
_struct_ref_seq.pdbx_auth_seq_align_beg 
_struct_ref_seq.pdbx_auth_seq_align_end 
1 1 1D80 A 1 ? 12 ? 1D80 1  ? 12 ? 1  12 
2 1 1D80 B 1 ? 12 ? 1D80 13 ? 24 ? 13 24 
# 
_pdbx_struct_assembly.id                   1 
_pdbx_struct_assembly.details              author_defined_assembly 
_pdbx_struct_assembly.method_details       ? 
_pdbx_struct_assembly.oligomeric_details   dimeric 
_pdbx_struct_assembly.oligomeric_count     2 
# 
_pdbx_struct_assembly_gen.assembly_id       1 
_pdbx_struct_assembly_gen.oper_expression   1 
_pdbx_struct_assembly_gen.asym_id_list      A,B,C,D 
# 
_pdbx_struct_oper_list.id                   1 
_pdbx_struct_oper_list.type                 'identity operation' 
_pdbx_struct_oper_list.name                 1_555 
_pdbx_struct_oper_list.symmetry_operation   x,y,z 
_pdbx_struct_oper_list.matrix[1][1]         1.0000000000 
_pdbx_struct_oper_list.matrix[1][2]         0.0000000000 
_pdbx_struct_oper_list.matrix[1][3]         0.0000000000 
_pdbx_struct_oper_list.vector[1]            0.0000000000 
_pdbx_struct_oper_list.matrix[2][1]         0.0000000000 
_pdbx_struct_oper_list.matrix[2][2]         1.0000000000 
_pdbx_struct_oper_list.matrix[2][3]         0.0000000000 
_pdbx_struct_oper_list.vector[2]            0.0000000000 
_pdbx_struct_oper_list.matrix[3][1]         0.0000000000 
_pdbx_struct_oper_list.matrix[3][2]         0.0000000000 
_pdbx_struct_oper_list.matrix[3][3]         1.0000000000 
_pdbx_struct_oper_list.vector[3]            0.0000000000 
# 
_struct_biol.id   1 
# 
loop_
_struct_conn.id 
_struct_conn.conn_type_id 
_struct_conn.pdbx_leaving_atom_flag 
_struct_conn.pdbx_PDB_id 
_struct_conn.ptnr1_label_asym_id 
_struct_conn.ptnr1_label_comp_id 
_struct_conn.ptnr1_label_seq_id 
_struct_conn.ptnr1_label_atom_id 
_struct_conn.pdbx_ptnr1_label_alt_id 
_struct_conn.pdbx_ptnr1_PDB_ins_code 
_struct_conn.pdbx_ptnr1_standard_comp_id 
_struct_conn.ptnr1_symmetry 
_struct_conn.ptnr2_label_asym_id 
_struct_conn.ptnr2_label_comp_id 
_struct_conn.ptnr2_label_seq_id 
_struct_conn.ptnr2_label_atom_id 
_struct_conn.pdbx_ptnr2_label_alt_id 
_struct_conn.pdbx_ptnr2_PDB_ins_code 
_struct_conn.ptnr1_auth_asym_id 
_struct_conn.ptnr1_auth_comp_id 
_struct_conn.ptnr1_auth_seq_id 
_struct_conn.ptnr2_auth_asym_id 
_struct_conn.ptnr2_auth_comp_id 
_struct_conn.ptnr2_auth_seq_id 
_struct_conn.ptnr2_symmetry 
_struct_conn.pdbx_ptnr3_label_atom_id 
_struct_conn.pdbx_ptnr3_label_seq_id 
_struct_conn.pdbx_ptnr3_label_comp_id 
_struct_conn.pdbx_ptnr3_label_asym_id 
_struct_conn.pdbx_ptnr3_label_alt_id 
_struct_conn.pdbx_ptnr3_PDB_ins_code 
_struct_conn.details 
_struct_conn.pdbx_dist_value 
_struct_conn.pdbx_value_order 
_struct_conn.pdbx_role 
hydrog1  hydrog ? ? A DC 1  N3 ? ? ? 1_555 B DG 12 N1 ? ? A DC 1  B DG 24 1_555 ? ? ? ? ? ? WATSON-CRICK ? ? ? 
hydrog2  hydrog ? ? A DC 1  N4 ? ? ? 1_555 B DG 12 O6 ? ? A DC 1  B DG 24 1_555 ? ? ? ? ? ? WATSON-CRICK ? ? ? 
hydrog3  hydrog ? ? A DC 1  O2 ? ? ? 1_555 B DG 12 N2 ? ? A DC 1  B DG 24 1_555 ? ? ? ? ? ? WATSON-CRICK ? ? ? 
hydrog4  hydrog ? ? A DG 2  N1 ? ? ? 1_555 B DC 11 N3 ? ? A DG 2  B DC 23 1_555 ? ? ? ? ? ? WATSON-CRICK ? ? ? 
hydrog5  hydrog ? ? A DG 2  N2 ? ? ? 1_555 B DC 11 O2 ? ? A DG 2  B DC 23 1_555 ? ? ? ? ? ? WATSON-CRICK ? ? ? 
hydrog6  hydrog ? ? A DG 2  O6 ? ? ? 1_555 B DC 11 N4 ? ? A DG 2  B DC 23 1_555 ? ? ? ? ? ? WATSON-CRICK ? ? ? 
hydrog7  hydrog ? ? A DC 3  N3 ? ? ? 1_555 B DG 10 N1 ? ? A DC 3  B DG 22 1_555 ? ? ? ? ? ? WATSON-CRICK ? ? ? 
hydrog8  hydrog ? ? A DC 3  N4 ? ? ? 1_555 B DG 10 O6 ? ? A DC 3  B DG 22 1_555 ? ? ? ? ? ? WATSON-CRICK ? ? ? 
hydrog9  hydrog ? ? A DC 3  O2 ? ? ? 1_555 B DG 10 N2 ? ? A DC 3  B DG 22 1_555 ? ? ? ? ? ? WATSON-CRICK ? ? ? 
hydrog10 hydrog ? ? A DG 4  N1 ? ? ? 1_555 B DG 9  O6 ? ? A DG 4  B DG 21 1_555 ? ? ? ? ? ? TYPE_6_PAIR  ? ? ? 
hydrog11 hydrog ? ? A DG 4  N2 ? ? ? 1_555 B DG 9  N7 ? ? A DG 4  B DG 21 1_555 ? ? ? ? ? ? TYPE_6_PAIR  ? ? ? 
hydrog12 hydrog ? ? A DA 5  N1 ? ? ? 1_555 B DT 8  N3 ? ? A DA 5  B DT 20 1_555 ? ? ? ? ? ? WATSON-CRICK ? ? ? 
hydrog13 hydrog ? ? A DA 5  N6 ? ? ? 1_555 B DT 8  O4 ? ? A DA 5  B DT 20 1_555 ? ? ? ? ? ? WATSON-CRICK ? ? ? 
hydrog14 hydrog ? ? A DA 6  N1 ? ? ? 1_555 B DT 7  N3 ? ? A DA 6  B DT 19 1_555 ? ? ? ? ? ? WATSON-CRICK ? ? ? 
hydrog15 hydrog ? ? A DA 6  N6 ? ? ? 1_555 B DT 7  O4 ? ? A DA 6  B DT 19 1_555 ? ? ? ? ? ? WATSON-CRICK ? ? ? 
hydrog16 hydrog ? ? A DT 7  N3 ? ? ? 1_555 B DA 6  N1 ? ? A DT 7  B DA 18 1_555 ? ? ? ? ? ? WATSON-CRICK ? ? ? 
hydrog17 hydrog ? ? A DT 7  O4 ? ? ? 1_555 B DA 6  N6 ? ? A DT 7  B DA 18 1_555 ? ? ? ? ? ? WATSON-CRICK ? ? ? 
hydrog18 hydrog ? ? A DT 8  N3 ? ? ? 1_555 B DA 5  N1 ? ? A DT 8  B DA 17 1_555 ? ? ? ? ? ? WATSON-CRICK ? ? ? 
hydrog19 hydrog ? ? A DT 8  O4 ? ? ? 1_555 B DA 5  N6 ? ? A DT 8  B DA 17 1_555 ? ? ? ? ? ? WATSON-CRICK ? ? ? 
hydrog20 hydrog ? ? A DG 9  N7 ? ? ? 1_555 B DG 4  N2 ? ? A DG 9  B DG 16 1_555 ? ? ? ? ? ? TYPE_6_PAIR  ? ? ? 
hydrog21 hydrog ? ? A DG 9  O6 ? ? ? 1_555 B DG 4  N1 ? ? A DG 9  B DG 16 1_555 ? ? ? ? ? ? TYPE_6_PAIR  ? ? ? 
hydrog22 hydrog ? ? A DG 10 N1 ? ? ? 1_555 B DC 3  N3 ? ? A DG 10 B DC 15 1_555 ? ? ? ? ? ? WATSON-CRICK ? ? ? 
hydrog23 hydrog ? ? A DG 10 N2 ? ? ? 1_555 B DC 3  O2 ? ? A DG 10 B DC 15 1_555 ? ? ? ? ? ? WATSON-CRICK ? ? ? 
hydrog24 hydrog ? ? A DG 10 O6 ? ? ? 1_555 B DC 3  N4 ? ? A DG 10 B DC 15 1_555 ? ? ? ? ? ? WATSON-CRICK ? ? ? 
hydrog25 hydrog ? ? A DC 11 N3 ? ? ? 1_555 B DG 2  N1 ? ? A DC 11 B DG 14 1_555 ? ? ? ? ? ? WATSON-CRICK ? ? ? 
hydrog26 hydrog ? ? A DC 11 N4 ? ? ? 1_555 B DG 2  O6 ? ? A DC 11 B DG 14 1_555 ? ? ? ? ? ? WATSON-CRICK ? ? ? 
hydrog27 hydrog ? ? A DC 11 O2 ? ? ? 1_555 B DG 2  N2 ? ? A DC 11 B DG 14 1_555 ? ? ? ? ? ? WATSON-CRICK ? ? ? 
hydrog28 hydrog ? ? A DG 12 N1 ? ? ? 1_555 B DC 1  N3 ? ? A DG 12 B DC 13 1_555 ? ? ? ? ? ? WATSON-CRICK ? ? ? 
hydrog29 hydrog ? ? A DG 12 N2 ? ? ? 1_555 B DC 1  O2 ? ? A DG 12 B DC 13 1_555 ? ? ? ? ? ? WATSON-CRICK ? ? ? 
hydrog30 hydrog ? ? A DG 12 O6 ? ? ? 1_555 B DC 1  N4 ? ? A DG 12 B DC 13 1_555 ? ? ? ? ? ? WATSON-CRICK ? ? ? 
# 
_struct_conn_type.id          hydrog 
_struct_conn_type.criteria    ? 
_struct_conn_type.reference   ? 
# 
loop_
_pdbx_validate_close_contact.id 
_pdbx_validate_close_contact.PDB_model_num 
_pdbx_validate_close_contact.auth_atom_id_1 
_pdbx_validate_close_contact.auth_asym_id_1 
_pdbx_validate_close_contact.auth_comp_id_1 
_pdbx_validate_close_contact.auth_seq_id_1 
_pdbx_validate_close_contact.PDB_ins_code_1 
_pdbx_validate_close_contact.label_alt_id_1 
_pdbx_validate_close_contact.auth_atom_id_2 
_pdbx_validate_close_contact.auth_asym_id_2 
_pdbx_validate_close_contact.auth_comp_id_2 
_pdbx_validate_close_contact.auth_seq_id_2 
_pdbx_validate_close_contact.PDB_ins_code_2 
_pdbx_validate_close_contact.label_alt_id_2 
_pdbx_validate_close_contact.dist 
1  1 N9    A DG 2  ? ? O A HOH 59 ? ? 0.29 
2  1 C8    A DG 2  ? ? O A HOH 59 ? ? 1.13 
3  1 "O4'" A DC 11 ? ? O A HOH 93 ? ? 1.23 
4  1 O2    A DC 1  ? ? O A HOH 37 ? ? 1.29 
5  1 C4    A DG 2  ? ? O A HOH 59 ? ? 1.42 
6  1 N3    B DC 23 ? ? O B HOH 60 ? ? 1.51 
7  1 N1    A DG 2  ? ? O B HOH 60 ? ? 1.56 
8  1 "O5'" B DC 15 ? ? O B HOH 67 ? ? 1.63 
9  1 O6    A DG 2  ? ? O A HOH 69 ? ? 1.68 
10 1 "C1'" A DG 2  ? ? O A HOH 59 ? ? 1.69 
11 1 OP1   A DC 3  ? ? O A HOH 68 ? ? 1.72 
12 1 "C4'" B DC 15 ? ? O B HOH 67 ? ? 1.75 
13 1 "C5'" B DC 15 ? ? O B HOH 67 ? ? 1.75 
14 1 N7    A DG 2  ? ? O A HOH 69 ? ? 1.86 
15 1 "C1'" A DC 11 ? ? O A HOH 93 ? ? 1.86 
16 1 "O4'" B DC 15 ? ? O B HOH 67 ? ? 1.89 
17 1 C2    A DC 1  ? ? O A HOH 37 ? ? 1.91 
18 1 OP1   A DG 9  ? ? O A HOH 52 ? ? 1.93 
19 1 C6    A DG 2  ? ? O A HOH 69 ? ? 1.93 
20 1 C5    A DG 2  ? ? O A HOH 69 ? ? 1.98 
21 1 N7    A DG 2  ? ? O A HOH 59 ? ? 2.01 
22 1 "C3'" B DC 15 ? ? O B HOH 67 ? ? 2.03 
23 1 N1    A DC 11 ? ? O A HOH 93 ? ? 2.05 
24 1 N2    B DG 24 ? ? O A HOH 37 ? ? 2.05 
25 1 C5    A DG 2  ? ? O A HOH 59 ? ? 2.07 
26 1 N2    A DG 2  ? ? O A HOH 43 ? ? 2.09 
27 1 P     A DC 3  ? ? O A HOH 68 ? ? 2.14 
28 1 "C4'" A DC 11 ? ? O A HOH 93 ? ? 2.18 
# 
loop_
_pdbx_validate_symm_contact.id 
_pdbx_validate_symm_contact.PDB_model_num 
_pdbx_validate_symm_contact.auth_atom_id_1 
_pdbx_validate_symm_contact.auth_asym_id_1 
_pdbx_validate_symm_contact.auth_comp_id_1 
_pdbx_validate_symm_contact.auth_seq_id_1 
_pdbx_validate_symm_contact.PDB_ins_code_1 
_pdbx_validate_symm_contact.label_alt_id_1 
_pdbx_validate_symm_contact.site_symmetry_1 
_pdbx_validate_symm_contact.auth_atom_id_2 
_pdbx_validate_symm_contact.auth_asym_id_2 
_pdbx_validate_symm_contact.auth_comp_id_2 
_pdbx_validate_symm_contact.auth_seq_id_2 
_pdbx_validate_symm_contact.PDB_ins_code_2 
_pdbx_validate_symm_contact.label_alt_id_2 
_pdbx_validate_symm_contact.site_symmetry_2 
_pdbx_validate_symm_contact.dist 
1  1 "O3'" A DC  11 ? ? 1_555 O  A HOH 83 ? ? 2_664 1.13 
2  1 O     A HOH 65 ? ? 1_555 O  B HOH 61 ? ? 1_455 1.27 
3  1 O2    B DC  23 ? ? 1_555 O  A HOH 92 ? ? 2_665 1.42 
4  1 N3    B DG  22 ? ? 1_555 O  A HOH 36 ? ? 2_665 1.46 
5  1 O     A HOH 63 ? ? 1_555 O  B HOH 64 ? ? 1_455 1.53 
6  1 O2    A DC  3  ? ? 1_555 O  A HOH 25 ? ? 2_665 1.57 
7  1 N2    B DG  22 ? ? 1_555 O  A HOH 25 ? ? 2_665 1.59 
8  1 "O5'" B DC  13 ? ? 1_555 O  A HOH 78 ? ? 4_455 1.64 
9  1 "C5'" B DG  24 ? ? 1_555 O  A HOH 81 ? ? 2_665 1.71 
10 1 "C3'" A DC  11 ? ? 1_555 O  A HOH 83 ? ? 2_664 1.78 
11 1 "C1'" A DC  3  ? ? 1_555 O  A HOH 41 ? ? 2_665 1.80 
12 1 "O3'" A DG  12 ? ? 1_555 N2 B DG  22 ? ? 2_664 1.85 
13 1 "O4'" A DG  12 ? ? 1_555 O  A HOH 43 ? ? 2_664 1.92 
14 1 C2    B DC  23 ? ? 1_555 O  A HOH 92 ? ? 2_665 1.99 
15 1 C4    B DG  22 ? ? 1_555 O  A HOH 36 ? ? 2_665 2.01 
16 1 "C4'" A DG  12 ? ? 1_555 O2 B DC  23 ? ? 2_664 2.06 
17 1 OP2   A DG  10 ? ? 1_555 O  B HOH 87 ? ? 4_465 2.08 
18 1 O     A HOH 31 ? ? 1_555 O  A HOH 79 ? ? 3_645 2.11 
19 1 O     A HOH 52 ? ? 1_555 O  A HOH 53 ? ? 4_465 2.12 
20 1 O2    A DC  3  ? ? 1_555 O  A HOH 41 ? ? 2_665 2.15 
21 1 "O3'" B DC  23 ? ? 1_555 O  A HOH 81 ? ? 2_665 2.16 
# 
loop_
_pdbx_validate_rmsd_bond.id 
_pdbx_validate_rmsd_bond.PDB_model_num 
_pdbx_validate_rmsd_bond.auth_atom_id_1 
_pdbx_validate_rmsd_bond.auth_asym_id_1 
_pdbx_validate_rmsd_bond.auth_comp_id_1 
_pdbx_validate_rmsd_bond.auth_seq_id_1 
_pdbx_validate_rmsd_bond.PDB_ins_code_1 
_pdbx_validate_rmsd_bond.label_alt_id_1 
_pdbx_validate_rmsd_bond.auth_atom_id_2 
_pdbx_validate_rmsd_bond.auth_asym_id_2 
_pdbx_validate_rmsd_bond.auth_comp_id_2 
_pdbx_validate_rmsd_bond.auth_seq_id_2 
_pdbx_validate_rmsd_bond.PDB_ins_code_2 
_pdbx_validate_rmsd_bond.label_alt_id_2 
_pdbx_validate_rmsd_bond.bond_value 
_pdbx_validate_rmsd_bond.bond_target_value 
_pdbx_validate_rmsd_bond.bond_deviation 
_pdbx_validate_rmsd_bond.bond_standard_deviation 
_pdbx_validate_rmsd_bond.linker_flag 
1 1 P     A DC 3  ? ? "O5'" A DC 3  ? ? 1.532 1.593 -0.061 0.010 N 
2 1 "O3'" A DT 7  ? ? P     A DT 8  ? ? 1.515 1.607 -0.092 0.012 Y 
3 1 P     A DT 8  ? ? OP1   A DT 8  ? ? 1.593 1.485 0.108  0.017 N 
4 1 P     A DT 8  ? ? "O5'" A DT 8  ? ? 1.457 1.593 -0.136 0.010 N 
5 1 C6    B DG 14 ? ? N1    B DG 14 ? ? 1.349 1.391 -0.042 0.007 N 
6 1 N3    B DC 15 ? ? C4    B DC 15 ? ? 1.381 1.335 0.046  0.007 N 
7 1 "O3'" B DC 15 ? ? P     B DG 16 ? ? 1.790 1.607 0.183  0.012 Y 
8 1 "O3'" B DA 17 ? ? P     B DA 18 ? ? 1.697 1.607 0.090  0.012 Y 
9 1 "O4'" B DG 21 ? ? "C1'" B DG 21 ? ? 1.496 1.420 0.076  0.011 N 
# 
loop_
_pdbx_validate_rmsd_angle.id 
_pdbx_validate_rmsd_angle.PDB_model_num 
_pdbx_validate_rmsd_angle.auth_atom_id_1 
_pdbx_validate_rmsd_angle.auth_asym_id_1 
_pdbx_validate_rmsd_angle.auth_comp_id_1 
_pdbx_validate_rmsd_angle.auth_seq_id_1 
_pdbx_validate_rmsd_angle.PDB_ins_code_1 
_pdbx_validate_rmsd_angle.label_alt_id_1 
_pdbx_validate_rmsd_angle.auth_atom_id_2 
_pdbx_validate_rmsd_angle.auth_asym_id_2 
_pdbx_validate_rmsd_angle.auth_comp_id_2 
_pdbx_validate_rmsd_angle.auth_seq_id_2 
_pdbx_validate_rmsd_angle.PDB_ins_code_2 
_pdbx_validate_rmsd_angle.label_alt_id_2 
_pdbx_validate_rmsd_angle.auth_atom_id_3 
_pdbx_validate_rmsd_angle.auth_asym_id_3 
_pdbx_validate_rmsd_angle.auth_comp_id_3 
_pdbx_validate_rmsd_angle.auth_seq_id_3 
_pdbx_validate_rmsd_angle.PDB_ins_code_3 
_pdbx_validate_rmsd_angle.label_alt_id_3 
_pdbx_validate_rmsd_angle.angle_value 
_pdbx_validate_rmsd_angle.angle_target_value 
_pdbx_validate_rmsd_angle.angle_deviation 
_pdbx_validate_rmsd_angle.angle_standard_deviation 
_pdbx_validate_rmsd_angle.linker_flag 
1   1 "O5'" A DC 1  ? ? "C5'" A DC 1  ? ? "C4'" A DC 1  ? ? 104.59 109.40 -4.81  0.80 N 
2   1 "C3'" A DC 1  ? ? "C2'" A DC 1  ? ? "C1'" A DC 1  ? ? 95.41  102.40 -6.99  0.80 N 
3   1 "O4'" A DC 1  ? ? "C1'" A DC 1  ? ? N1    A DC 1  ? ? 111.09 108.30 2.79   0.30 N 
4   1 "O5'" A DG 2  ? ? "C5'" A DG 2  ? ? "C4'" A DG 2  ? ? 100.96 109.40 -8.44  0.80 N 
5   1 "O4'" A DG 2  ? ? "C1'" A DG 2  ? ? N9    A DG 2  ? ? 110.54 108.30 2.24   0.30 N 
6   1 C6    A DG 2  ? ? N1    A DG 2  ? ? C2    A DG 2  ? ? 120.20 125.10 -4.90  0.60 N 
7   1 C5    A DG 2  ? ? C6    A DG 2  ? ? N1    A DG 2  ? ? 115.12 111.50 3.62   0.50 N 
8   1 N1    A DG 2  ? ? C6    A DG 2  ? ? O6    A DG 2  ? ? 115.11 119.90 -4.79  0.60 N 
9   1 OP1   A DC 3  ? ? P     A DC 3  ? ? OP2   A DC 3  ? ? 109.05 119.60 -10.55 1.50 N 
10  1 P     A DC 3  ? ? "O5'" A DC 3  ? ? "C5'" A DC 3  ? ? 137.49 120.90 16.59  1.60 N 
11  1 "C1'" A DC 3  ? ? "O4'" A DC 3  ? ? "C4'" A DC 3  ? ? 103.35 110.10 -6.75  1.00 N 
12  1 "C3'" A DC 3  ? ? "O3'" A DC 3  ? ? P     A DG 4  ? ? 111.68 119.70 -8.02  1.20 Y 
13  1 "O5'" A DG 4  ? ? "C5'" A DG 4  ? ? "C4'" A DG 4  ? ? 102.07 109.40 -7.33  0.80 N 
14  1 "C3'" A DG 4  ? ? "C2'" A DG 4  ? ? "C1'" A DG 4  ? ? 95.75  102.40 -6.65  0.80 N 
15  1 "O4'" A DG 4  ? ? "C1'" A DG 4  ? ? N9    A DG 4  ? ? 118.51 108.30 10.21  0.30 N 
16  1 C6    A DG 4  ? ? N1    A DG 4  ? ? C2    A DG 4  ? ? 119.62 125.10 -5.48  0.60 N 
17  1 C5    A DG 4  ? ? C6    A DG 4  ? ? N1    A DG 4  ? ? 116.38 111.50 4.88   0.50 N 
18  1 N3    A DG 4  ? ? C2    A DG 4  ? ? N2    A DG 4  ? ? 114.53 119.90 -5.37  0.70 N 
19  1 C5    A DG 4  ? ? C6    A DG 4  ? ? O6    A DG 4  ? ? 123.12 128.60 -5.48  0.60 N 
20  1 "O5'" A DA 5  ? ? P     A DA 5  ? ? OP2   A DA 5  ? ? 119.38 110.70 8.68   1.20 N 
21  1 "C4'" A DA 5  ? ? "C3'" A DA 5  ? ? "C2'" A DA 5  ? ? 97.24  102.20 -4.96  0.70 N 
22  1 "O4'" A DA 5  ? ? "C1'" A DA 5  ? ? N9    A DA 5  ? ? 115.29 108.30 6.99   0.30 N 
23  1 "C3'" A DA 5  ? ? "O3'" A DA 5  ? ? P     A DA 6  ? ? 155.65 119.70 35.95  1.20 Y 
24  1 "O3'" A DA 5  ? ? P     A DA 6  ? ? OP1   A DA 6  ? ? 117.71 110.50 7.21   1.10 Y 
25  1 C6    A DA 6  ? ? N1    A DA 6  ? ? C2    A DA 6  ? ? 122.92 118.60 4.32   0.60 N 
26  1 N1    A DA 6  ? ? C2    A DA 6  ? ? N3    A DA 6  ? ? 126.25 129.30 -3.05  0.50 N 
27  1 C5    A DA 6  ? ? C6    A DA 6  ? ? N1    A DA 6  ? ? 113.41 117.70 -4.29  0.50 N 
28  1 "O3'" A DA 6  ? ? P     A DT 7  ? ? OP1   A DT 7  ? ? 118.17 110.50 7.67   1.10 Y 
29  1 "O5'" A DT 7  ? ? "C5'" A DT 7  ? ? "C4'" A DT 7  ? ? 102.46 109.40 -6.94  0.80 N 
30  1 N1    A DT 7  ? ? C2    A DT 7  ? ? N3    A DT 7  ? ? 119.81 114.60 5.21   0.60 N 
31  1 C2    A DT 7  ? ? N3    A DT 7  ? ? C4    A DT 7  ? ? 120.39 127.20 -6.81  0.60 N 
32  1 N3    A DT 7  ? ? C4    A DT 7  ? ? C5    A DT 7  ? ? 119.41 115.20 4.21   0.60 N 
33  1 "C3'" A DT 7  ? ? "O3'" A DT 7  ? ? P     A DT 8  ? ? 129.10 119.70 9.40   1.20 Y 
34  1 "O3'" A DT 7  ? ? P     A DT 8  ? ? "O5'" A DT 8  ? ? 121.26 104.00 17.26  1.90 Y 
35  1 "O3'" A DT 7  ? ? P     A DT 8  ? ? OP2   A DT 8  ? ? 91.51  105.20 -13.69 2.20 Y 
36  1 OP1   A DT 8  ? ? P     A DT 8  ? ? OP2   A DT 8  ? ? 106.03 119.60 -13.57 1.50 N 
37  1 P     A DT 8  ? ? "O5'" A DT 8  ? ? "C5'" A DT 8  ? ? 139.93 120.90 19.03  1.60 N 
38  1 "O4'" A DT 8  ? ? "C1'" A DT 8  ? ? "C2'" A DT 8  ? ? 101.03 105.90 -4.87  0.80 N 
39  1 "O4'" A DT 8  ? ? "C1'" A DT 8  ? ? N1    A DT 8  ? ? 112.69 108.30 4.39   0.30 N 
40  1 N1    A DT 8  ? ? C2    A DT 8  ? ? N3    A DT 8  ? ? 119.40 114.60 4.80   0.60 N 
41  1 C2    A DT 8  ? ? N3    A DT 8  ? ? C4    A DT 8  ? ? 119.35 127.20 -7.85  0.60 N 
42  1 N3    A DT 8  ? ? C4    A DT 8  ? ? C5    A DT 8  ? ? 120.56 115.20 5.36   0.60 N 
43  1 N3    A DT 8  ? ? C4    A DT 8  ? ? O4    A DT 8  ? ? 112.34 119.90 -7.56  0.60 N 
44  1 C6    A DT 8  ? ? C5    A DT 8  ? ? C7    A DT 8  ? ? 118.67 122.90 -4.23  0.60 N 
45  1 "C3'" A DT 8  ? ? "O3'" A DT 8  ? ? P     A DG 9  ? ? 135.32 119.70 15.62  1.20 Y 
46  1 "O5'" A DG 9  ? ? P     A DG 9  ? ? OP2   A DG 9  ? ? 120.32 110.70 9.62   1.20 N 
47  1 "O5'" A DG 9  ? ? "C5'" A DG 9  ? ? "C4'" A DG 9  ? ? 102.67 109.40 -6.73  0.80 N 
48  1 P     A DG 9  ? ? "O5'" A DG 9  ? ? "C5'" A DG 9  ? ? 109.17 120.90 -11.73 1.60 N 
49  1 "C3'" A DG 9  ? ? "C2'" A DG 9  ? ? "C1'" A DG 9  ? ? 95.74  102.40 -6.66  0.80 N 
50  1 "O4'" A DG 9  ? ? "C1'" A DG 9  ? ? N9    A DG 9  ? ? 116.03 108.30 7.73   0.30 N 
51  1 C5    A DG 9  ? ? C6    A DG 9  ? ? N1    A DG 9  ? ? 114.86 111.50 3.36   0.50 N 
52  1 "C3'" A DG 9  ? ? "O3'" A DG 9  ? ? P     A DG 10 ? ? 132.20 119.70 12.50  1.20 Y 
53  1 "O5'" A DG 10 ? ? "C5'" A DG 10 ? ? "C4'" A DG 10 ? ? 103.16 109.40 -6.24  0.80 N 
54  1 "O4'" A DG 10 ? ? "C1'" A DG 10 ? ? N9    A DG 10 ? ? 110.81 108.30 2.51   0.30 N 
55  1 C5    A DG 10 ? ? C6    A DG 10 ? ? O6    A DG 10 ? ? 124.87 128.60 -3.73  0.60 N 
56  1 "C3'" A DG 10 ? ? "O3'" A DG 10 ? ? P     A DC 11 ? ? 151.21 119.70 31.51  1.20 Y 
57  1 "C3'" A DC 11 ? ? "C2'" A DC 11 ? ? "C1'" A DC 11 ? ? 97.49  102.40 -4.91  0.80 N 
58  1 "C3'" A DC 11 ? ? "O3'" A DC 11 ? ? P     A DG 12 ? ? 135.70 119.70 16.00  1.20 Y 
59  1 "O3'" A DC 11 ? ? P     A DG 12 ? ? OP1   A DG 12 ? ? 125.27 110.50 14.77  1.10 Y 
60  1 OP1   A DG 12 ? ? P     A DG 12 ? ? OP2   A DG 12 ? ? 103.80 119.60 -15.80 1.50 N 
61  1 "O5'" A DG 12 ? ? P     A DG 12 ? ? OP2   A DG 12 ? ? 119.56 110.70 8.86   1.20 N 
62  1 "O4'" A DG 12 ? ? "C1'" A DG 12 ? ? N9    A DG 12 ? ? 112.13 108.30 3.83   0.30 N 
63  1 C5    A DG 12 ? ? C6    A DG 12 ? ? N1    A DG 12 ? ? 114.74 111.50 3.24   0.50 N 
64  1 "O3'" B DC 13 ? ? P     B DG 14 ? ? OP2   B DG 14 ? ? 118.69 110.50 8.19   1.10 Y 
65  1 OP1   B DG 14 ? ? P     B DG 14 ? ? OP2   B DG 14 ? ? 108.76 119.60 -10.84 1.50 N 
66  1 "O5'" B DG 14 ? ? P     B DG 14 ? ? OP1   B DG 14 ? ? 119.54 110.70 8.84   1.20 N 
67  1 "O4'" B DG 14 ? ? "C1'" B DG 14 ? ? N9    B DG 14 ? ? 112.08 108.30 3.78   0.30 N 
68  1 OP1   B DC 15 ? ? P     B DC 15 ? ? OP2   B DC 15 ? ? 108.66 119.60 -10.94 1.50 N 
69  1 "O5'" B DC 15 ? ? "C5'" B DC 15 ? ? "C4'" B DC 15 ? ? 103.17 109.40 -6.23  0.80 N 
70  1 P     B DC 15 ? ? "O5'" B DC 15 ? ? "C5'" B DC 15 ? ? 109.70 120.90 -11.20 1.60 N 
71  1 "C3'" B DC 15 ? ? "O3'" B DC 15 ? ? P     B DG 16 ? ? 92.89  119.70 -26.81 1.20 Y 
72  1 "O3'" B DC 15 ? ? P     B DG 16 ? ? "O5'" B DG 16 ? ? 89.87  104.00 -14.13 1.90 Y 
73  1 "O5'" B DG 16 ? ? P     B DG 16 ? ? OP2   B DG 16 ? ? 122.31 110.70 11.61  1.20 N 
74  1 "O5'" B DG 16 ? ? "C5'" B DG 16 ? ? "C4'" B DG 16 ? ? 103.38 109.40 -6.02  0.80 N 
75  1 "C4'" B DG 16 ? ? "C3'" B DG 16 ? ? "C2'" B DG 16 ? ? 97.42  102.20 -4.78  0.70 N 
76  1 "C3'" B DG 16 ? ? "C2'" B DG 16 ? ? "C1'" B DG 16 ? ? 95.00  102.40 -7.40  0.80 N 
77  1 "O4'" B DG 16 ? ? "C1'" B DG 16 ? ? N9    B DG 16 ? ? 113.44 108.30 5.14   0.30 N 
78  1 C5    B DG 16 ? ? C6    B DG 16 ? ? O6    B DG 16 ? ? 124.46 128.60 -4.14  0.60 N 
79  1 "C3'" B DG 16 ? ? "O3'" B DG 16 ? ? P     B DA 17 ? ? 151.85 119.70 32.15  1.20 Y 
80  1 "O5'" B DA 17 ? ? P     B DA 17 ? ? OP1   B DA 17 ? ? 99.66  105.70 -6.04  0.90 N 
81  1 "O5'" B DA 17 ? ? "C5'" B DA 17 ? ? "C4'" B DA 17 ? ? 102.12 109.40 -7.28  0.80 N 
82  1 P     B DA 17 ? ? "O5'" B DA 17 ? ? "C5'" B DA 17 ? ? 109.81 120.90 -11.09 1.60 N 
83  1 "C3'" B DA 17 ? ? "C2'" B DA 17 ? ? "C1'" B DA 17 ? ? 96.20  102.40 -6.20  0.80 N 
84  1 "O4'" B DA 17 ? ? "C1'" B DA 17 ? ? N9    B DA 17 ? ? 114.98 108.30 6.68   0.30 N 
85  1 N1    B DA 17 ? ? C2    B DA 17 ? ? N3    B DA 17 ? ? 125.31 129.30 -3.99  0.50 N 
86  1 "O3'" B DA 17 ? ? P     B DA 18 ? ? "O5'" B DA 18 ? ? 90.70  104.00 -13.30 1.90 Y 
87  1 "O4'" B DA 18 ? ? "C1'" B DA 18 ? ? N9    B DA 18 ? ? 110.21 108.30 1.91   0.30 N 
88  1 "C3'" B DA 18 ? ? "O3'" B DA 18 ? ? P     B DT 19 ? ? 134.98 119.70 15.28  1.20 Y 
89  1 P     B DT 19 ? ? "O5'" B DT 19 ? ? "C5'" B DT 19 ? ? 106.51 120.90 -14.39 1.60 N 
90  1 "C4'" B DT 19 ? ? "C3'" B DT 19 ? ? "C2'" B DT 19 ? ? 96.08  102.20 -6.12  0.70 N 
91  1 "O4'" B DT 19 ? ? "C1'" B DT 19 ? ? N1    B DT 19 ? ? 111.79 108.30 3.49   0.30 N 
92  1 N1    B DT 19 ? ? C2    B DT 19 ? ? N3    B DT 19 ? ? 118.99 114.60 4.39   0.60 N 
93  1 C2    B DT 19 ? ? N3    B DT 19 ? ? C4    B DT 19 ? ? 121.59 127.20 -5.61  0.60 N 
94  1 C6    B DT 19 ? ? C5    B DT 19 ? ? C7    B DT 19 ? ? 117.52 122.90 -5.38  0.60 N 
95  1 "O3'" B DT 19 ? ? P     B DT 20 ? ? OP2   B DT 20 ? ? 91.85  105.20 -13.35 2.20 Y 
96  1 "O3'" B DT 19 ? ? P     B DT 20 ? ? OP1   B DT 20 ? ? 123.72 110.50 13.22  1.10 Y 
97  1 "O5'" B DT 20 ? ? "C5'" B DT 20 ? ? "C4'" B DT 20 ? ? 104.25 109.40 -5.15  0.80 N 
98  1 "O4'" B DT 20 ? ? "C1'" B DT 20 ? ? N1    B DT 20 ? ? 118.32 108.30 10.02  0.30 N 
99  1 N1    B DT 20 ? ? C2    B DT 20 ? ? N3    B DT 20 ? ? 120.14 114.60 5.54   0.60 N 
100 1 C2    B DT 20 ? ? N3    B DT 20 ? ? C4    B DT 20 ? ? 119.17 127.20 -8.03  0.60 N 
101 1 N3    B DT 20 ? ? C4    B DT 20 ? ? C5    B DT 20 ? ? 119.99 115.20 4.79   0.60 N 
102 1 "C3'" B DT 20 ? ? "O3'" B DT 20 ? ? P     B DG 21 ? ? 142.37 119.70 22.67  1.20 Y 
103 1 OP1   B DG 21 ? ? P     B DG 21 ? ? OP2   B DG 21 ? ? 107.58 119.60 -12.02 1.50 N 
104 1 "C1'" B DG 21 ? ? "O4'" B DG 21 ? ? "C4'" B DG 21 ? ? 98.47  110.10 -11.63 1.00 N 
105 1 "O4'" B DG 21 ? ? "C1'" B DG 21 ? ? "C2'" B DG 21 ? ? 98.14  105.90 -7.76  0.80 N 
106 1 "O4'" B DG 21 ? ? "C1'" B DG 21 ? ? N9    B DG 21 ? ? 110.99 108.30 2.69   0.30 N 
107 1 C6    B DG 21 ? ? N1    B DG 21 ? ? C2    B DG 21 ? ? 121.04 125.10 -4.06  0.60 N 
108 1 C5    B DG 21 ? ? C6    B DG 21 ? ? N1    B DG 21 ? ? 115.51 111.50 4.01   0.50 N 
109 1 "C3'" B DG 21 ? ? "O3'" B DG 21 ? ? P     B DG 22 ? ? 127.61 119.70 7.91   1.20 Y 
110 1 "O3'" B DG 21 ? ? P     B DG 22 ? ? OP1   B DG 22 ? ? 117.69 110.50 7.19   1.10 Y 
111 1 OP1   B DG 22 ? ? P     B DG 22 ? ? OP2   B DG 22 ? ? 110.31 119.60 -9.29  1.50 N 
112 1 "C3'" B DG 22 ? ? "C2'" B DG 22 ? ? "C1'" B DG 22 ? ? 96.05  102.40 -6.35  0.80 N 
113 1 "O4'" B DG 22 ? ? "C1'" B DG 22 ? ? "C2'" B DG 22 ? ? 100.92 105.90 -4.98  0.80 N 
114 1 "O4'" B DG 22 ? ? "C1'" B DG 22 ? ? N9    B DG 22 ? ? 117.37 108.30 9.07   0.30 N 
115 1 C5    B DG 22 ? ? C6    B DG 22 ? ? N1    B DG 22 ? ? 114.82 111.50 3.32   0.50 N 
116 1 C5    B DG 22 ? ? C6    B DG 22 ? ? O6    B DG 22 ? ? 124.90 128.60 -3.70  0.60 N 
117 1 "C3'" B DG 22 ? ? "O3'" B DG 22 ? ? P     B DC 23 ? ? 131.76 119.70 12.06  1.20 Y 
118 1 "O5'" B DC 23 ? ? "C5'" B DC 23 ? ? "C4'" B DC 23 ? ? 104.42 109.40 -4.98  0.80 N 
119 1 "C3'" B DC 23 ? ? "C2'" B DC 23 ? ? "C1'" B DC 23 ? ? 97.40  102.40 -5.00  0.80 N 
120 1 "O4'" B DC 23 ? ? "C1'" B DC 23 ? ? N1    B DC 23 ? ? 117.30 108.30 9.00   0.30 N 
121 1 C2    B DC 23 ? ? N3    B DC 23 ? ? C4    B DC 23 ? ? 123.01 119.90 3.11   0.50 N 
122 1 N1    B DC 23 ? ? C2    B DC 23 ? ? O2    B DC 23 ? ? 122.64 118.90 3.74   0.60 N 
123 1 OP1   B DG 24 ? ? P     B DG 24 ? ? OP2   B DG 24 ? ? 107.70 119.60 -11.90 1.50 N 
124 1 "O5'" B DG 24 ? ? P     B DG 24 ? ? OP1   B DG 24 ? ? 132.89 110.70 22.19  1.20 N 
125 1 "O4'" B DG 24 ? ? "C1'" B DG 24 ? ? "C2'" B DG 24 ? ? 100.40 105.90 -5.50  0.80 N 
126 1 "O4'" B DG 24 ? ? "C1'" B DG 24 ? ? N9    B DG 24 ? ? 121.21 108.30 12.91  0.30 N 
127 1 C5    B DG 24 ? ? C6    B DG 24 ? ? O6    B DG 24 ? ? 123.38 128.60 -5.22  0.60 N 
# 
_pdbx_validate_polymer_linkage.id               1 
_pdbx_validate_polymer_linkage.PDB_model_num    1 
_pdbx_validate_polymer_linkage.auth_atom_id_1   "O3'" 
_pdbx_validate_polymer_linkage.auth_asym_id_1   B 
_pdbx_validate_polymer_linkage.auth_comp_id_1   DC 
_pdbx_validate_polymer_linkage.auth_seq_id_1    15 
_pdbx_validate_polymer_linkage.PDB_ins_code_1   ? 
_pdbx_validate_polymer_linkage.label_alt_id_1   ? 
_pdbx_validate_polymer_linkage.auth_atom_id_2   P 
_pdbx_validate_polymer_linkage.auth_asym_id_2   B 
_pdbx_validate_polymer_linkage.auth_comp_id_2   DG 
_pdbx_validate_polymer_linkage.auth_seq_id_2    16 
_pdbx_validate_polymer_linkage.PDB_ins_code_2   ? 
_pdbx_validate_polymer_linkage.label_alt_id_2   ? 
_pdbx_validate_polymer_linkage.dist             1.79 
# 
loop_
_refine_B_iso.class 
_refine_B_iso.details 
_refine_B_iso.treatment 
_refine_B_iso.pdbx_refine_id 
'ALL ATOMS'  TR isotropic 'X-RAY DIFFRACTION' 
'ALL WATERS' TR isotropic 'X-RAY DIFFRACTION' 
# 
loop_
_refine_occupancy.class 
_refine_occupancy.treatment 
_refine_occupancy.pdbx_refine_id 
'ALL ATOMS'  fix 'X-RAY DIFFRACTION' 
'ALL WATERS' fix 'X-RAY DIFFRACTION' 
# 
loop_
_chem_comp_atom.comp_id 
_chem_comp_atom.atom_id 
_chem_comp_atom.type_symbol 
_chem_comp_atom.pdbx_aromatic_flag 
_chem_comp_atom.pdbx_stereo_config 
_chem_comp_atom.pdbx_ordinal 
DA  OP3    O N N 1   
DA  P      P N N 2   
DA  OP1    O N N 3   
DA  OP2    O N N 4   
DA  "O5'"  O N N 5   
DA  "C5'"  C N N 6   
DA  "C4'"  C N R 7   
DA  "O4'"  O N N 8   
DA  "C3'"  C N S 9   
DA  "O3'"  O N N 10  
DA  "C2'"  C N N 11  
DA  "C1'"  C N R 12  
DA  N9     N Y N 13  
DA  C8     C Y N 14  
DA  N7     N Y N 15  
DA  C5     C Y N 16  
DA  C6     C Y N 17  
DA  N6     N N N 18  
DA  N1     N Y N 19  
DA  C2     C Y N 20  
DA  N3     N Y N 21  
DA  C4     C Y N 22  
DA  HOP3   H N N 23  
DA  HOP2   H N N 24  
DA  "H5'"  H N N 25  
DA  "H5''" H N N 26  
DA  "H4'"  H N N 27  
DA  "H3'"  H N N 28  
DA  "HO3'" H N N 29  
DA  "H2'"  H N N 30  
DA  "H2''" H N N 31  
DA  "H1'"  H N N 32  
DA  H8     H N N 33  
DA  H61    H N N 34  
DA  H62    H N N 35  
DA  H2     H N N 36  
DC  OP3    O N N 37  
DC  P      P N N 38  
DC  OP1    O N N 39  
DC  OP2    O N N 40  
DC  "O5'"  O N N 41  
DC  "C5'"  C N N 42  
DC  "C4'"  C N R 43  
DC  "O4'"  O N N 44  
DC  "C3'"  C N S 45  
DC  "O3'"  O N N 46  
DC  "C2'"  C N N 47  
DC  "C1'"  C N R 48  
DC  N1     N N N 49  
DC  C2     C N N 50  
DC  O2     O N N 51  
DC  N3     N N N 52  
DC  C4     C N N 53  
DC  N4     N N N 54  
DC  C5     C N N 55  
DC  C6     C N N 56  
DC  HOP3   H N N 57  
DC  HOP2   H N N 58  
DC  "H5'"  H N N 59  
DC  "H5''" H N N 60  
DC  "H4'"  H N N 61  
DC  "H3'"  H N N 62  
DC  "HO3'" H N N 63  
DC  "H2'"  H N N 64  
DC  "H2''" H N N 65  
DC  "H1'"  H N N 66  
DC  H41    H N N 67  
DC  H42    H N N 68  
DC  H5     H N N 69  
DC  H6     H N N 70  
DG  OP3    O N N 71  
DG  P      P N N 72  
DG  OP1    O N N 73  
DG  OP2    O N N 74  
DG  "O5'"  O N N 75  
DG  "C5'"  C N N 76  
DG  "C4'"  C N R 77  
DG  "O4'"  O N N 78  
DG  "C3'"  C N S 79  
DG  "O3'"  O N N 80  
DG  "C2'"  C N N 81  
DG  "C1'"  C N R 82  
DG  N9     N Y N 83  
DG  C8     C Y N 84  
DG  N7     N Y N 85  
DG  C5     C Y N 86  
DG  C6     C N N 87  
DG  O6     O N N 88  
DG  N1     N N N 89  
DG  C2     C N N 90  
DG  N2     N N N 91  
DG  N3     N N N 92  
DG  C4     C Y N 93  
DG  HOP3   H N N 94  
DG  HOP2   H N N 95  
DG  "H5'"  H N N 96  
DG  "H5''" H N N 97  
DG  "H4'"  H N N 98  
DG  "H3'"  H N N 99  
DG  "HO3'" H N N 100 
DG  "H2'"  H N N 101 
DG  "H2''" H N N 102 
DG  "H1'"  H N N 103 
DG  H8     H N N 104 
DG  H1     H N N 105 
DG  H21    H N N 106 
DG  H22    H N N 107 
DT  OP3    O N N 108 
DT  P      P N N 109 
DT  OP1    O N N 110 
DT  OP2    O N N 111 
DT  "O5'"  O N N 112 
DT  "C5'"  C N N 113 
DT  "C4'"  C N R 114 
DT  "O4'"  O N N 115 
DT  "C3'"  C N S 116 
DT  "O3'"  O N N 117 
DT  "C2'"  C N N 118 
DT  "C1'"  C N R 119 
DT  N1     N N N 120 
DT  C2     C N N 121 
DT  O2     O N N 122 
DT  N3     N N N 123 
DT  C4     C N N 124 
DT  O4     O N N 125 
DT  C5     C N N 126 
DT  C7     C N N 127 
DT  C6     C N N 128 
DT  HOP3   H N N 129 
DT  HOP2   H N N 130 
DT  "H5'"  H N N 131 
DT  "H5''" H N N 132 
DT  "H4'"  H N N 133 
DT  "H3'"  H N N 134 
DT  "HO3'" H N N 135 
DT  "H2'"  H N N 136 
DT  "H2''" H N N 137 
DT  "H1'"  H N N 138 
DT  H3     H N N 139 
DT  H71    H N N 140 
DT  H72    H N N 141 
DT  H73    H N N 142 
DT  H6     H N N 143 
HOH O      O N N 144 
HOH H1     H N N 145 
HOH H2     H N N 146 
# 
loop_
_chem_comp_bond.comp_id 
_chem_comp_bond.atom_id_1 
_chem_comp_bond.atom_id_2 
_chem_comp_bond.value_order 
_chem_comp_bond.pdbx_aromatic_flag 
_chem_comp_bond.pdbx_stereo_config 
_chem_comp_bond.pdbx_ordinal 
DA  OP3   P      sing N N 1   
DA  OP3   HOP3   sing N N 2   
DA  P     OP1    doub N N 3   
DA  P     OP2    sing N N 4   
DA  P     "O5'"  sing N N 5   
DA  OP2   HOP2   sing N N 6   
DA  "O5'" "C5'"  sing N N 7   
DA  "C5'" "C4'"  sing N N 8   
DA  "C5'" "H5'"  sing N N 9   
DA  "C5'" "H5''" sing N N 10  
DA  "C4'" "O4'"  sing N N 11  
DA  "C4'" "C3'"  sing N N 12  
DA  "C4'" "H4'"  sing N N 13  
DA  "O4'" "C1'"  sing N N 14  
DA  "C3'" "O3'"  sing N N 15  
DA  "C3'" "C2'"  sing N N 16  
DA  "C3'" "H3'"  sing N N 17  
DA  "O3'" "HO3'" sing N N 18  
DA  "C2'" "C1'"  sing N N 19  
DA  "C2'" "H2'"  sing N N 20  
DA  "C2'" "H2''" sing N N 21  
DA  "C1'" N9     sing N N 22  
DA  "C1'" "H1'"  sing N N 23  
DA  N9    C8     sing Y N 24  
DA  N9    C4     sing Y N 25  
DA  C8    N7     doub Y N 26  
DA  C8    H8     sing N N 27  
DA  N7    C5     sing Y N 28  
DA  C5    C6     sing Y N 29  
DA  C5    C4     doub Y N 30  
DA  C6    N6     sing N N 31  
DA  C6    N1     doub Y N 32  
DA  N6    H61    sing N N 33  
DA  N6    H62    sing N N 34  
DA  N1    C2     sing Y N 35  
DA  C2    N3     doub Y N 36  
DA  C2    H2     sing N N 37  
DA  N3    C4     sing Y N 38  
DC  OP3   P      sing N N 39  
DC  OP3   HOP3   sing N N 40  
DC  P     OP1    doub N N 41  
DC  P     OP2    sing N N 42  
DC  P     "O5'"  sing N N 43  
DC  OP2   HOP2   sing N N 44  
DC  "O5'" "C5'"  sing N N 45  
DC  "C5'" "C4'"  sing N N 46  
DC  "C5'" "H5'"  sing N N 47  
DC  "C5'" "H5''" sing N N 48  
DC  "C4'" "O4'"  sing N N 49  
DC  "C4'" "C3'"  sing N N 50  
DC  "C4'" "H4'"  sing N N 51  
DC  "O4'" "C1'"  sing N N 52  
DC  "C3'" "O3'"  sing N N 53  
DC  "C3'" "C2'"  sing N N 54  
DC  "C3'" "H3'"  sing N N 55  
DC  "O3'" "HO3'" sing N N 56  
DC  "C2'" "C1'"  sing N N 57  
DC  "C2'" "H2'"  sing N N 58  
DC  "C2'" "H2''" sing N N 59  
DC  "C1'" N1     sing N N 60  
DC  "C1'" "H1'"  sing N N 61  
DC  N1    C2     sing N N 62  
DC  N1    C6     sing N N 63  
DC  C2    O2     doub N N 64  
DC  C2    N3     sing N N 65  
DC  N3    C4     doub N N 66  
DC  C4    N4     sing N N 67  
DC  C4    C5     sing N N 68  
DC  N4    H41    sing N N 69  
DC  N4    H42    sing N N 70  
DC  C5    C6     doub N N 71  
DC  C5    H5     sing N N 72  
DC  C6    H6     sing N N 73  
DG  OP3   P      sing N N 74  
DG  OP3   HOP3   sing N N 75  
DG  P     OP1    doub N N 76  
DG  P     OP2    sing N N 77  
DG  P     "O5'"  sing N N 78  
DG  OP2   HOP2   sing N N 79  
DG  "O5'" "C5'"  sing N N 80  
DG  "C5'" "C4'"  sing N N 81  
DG  "C5'" "H5'"  sing N N 82  
DG  "C5'" "H5''" sing N N 83  
DG  "C4'" "O4'"  sing N N 84  
DG  "C4'" "C3'"  sing N N 85  
DG  "C4'" "H4'"  sing N N 86  
DG  "O4'" "C1'"  sing N N 87  
DG  "C3'" "O3'"  sing N N 88  
DG  "C3'" "C2'"  sing N N 89  
DG  "C3'" "H3'"  sing N N 90  
DG  "O3'" "HO3'" sing N N 91  
DG  "C2'" "C1'"  sing N N 92  
DG  "C2'" "H2'"  sing N N 93  
DG  "C2'" "H2''" sing N N 94  
DG  "C1'" N9     sing N N 95  
DG  "C1'" "H1'"  sing N N 96  
DG  N9    C8     sing Y N 97  
DG  N9    C4     sing Y N 98  
DG  C8    N7     doub Y N 99  
DG  C8    H8     sing N N 100 
DG  N7    C5     sing Y N 101 
DG  C5    C6     sing N N 102 
DG  C5    C4     doub Y N 103 
DG  C6    O6     doub N N 104 
DG  C6    N1     sing N N 105 
DG  N1    C2     sing N N 106 
DG  N1    H1     sing N N 107 
DG  C2    N2     sing N N 108 
DG  C2    N3     doub N N 109 
DG  N2    H21    sing N N 110 
DG  N2    H22    sing N N 111 
DG  N3    C4     sing N N 112 
DT  OP3   P      sing N N 113 
DT  OP3   HOP3   sing N N 114 
DT  P     OP1    doub N N 115 
DT  P     OP2    sing N N 116 
DT  P     "O5'"  sing N N 117 
DT  OP2   HOP2   sing N N 118 
DT  "O5'" "C5'"  sing N N 119 
DT  "C5'" "C4'"  sing N N 120 
DT  "C5'" "H5'"  sing N N 121 
DT  "C5'" "H5''" sing N N 122 
DT  "C4'" "O4'"  sing N N 123 
DT  "C4'" "C3'"  sing N N 124 
DT  "C4'" "H4'"  sing N N 125 
DT  "O4'" "C1'"  sing N N 126 
DT  "C3'" "O3'"  sing N N 127 
DT  "C3'" "C2'"  sing N N 128 
DT  "C3'" "H3'"  sing N N 129 
DT  "O3'" "HO3'" sing N N 130 
DT  "C2'" "C1'"  sing N N 131 
DT  "C2'" "H2'"  sing N N 132 
DT  "C2'" "H2''" sing N N 133 
DT  "C1'" N1     sing N N 134 
DT  "C1'" "H1'"  sing N N 135 
DT  N1    C2     sing N N 136 
DT  N1    C6     sing N N 137 
DT  C2    O2     doub N N 138 
DT  C2    N3     sing N N 139 
DT  N3    C4     sing N N 140 
DT  N3    H3     sing N N 141 
DT  C4    O4     doub N N 142 
DT  C4    C5     sing N N 143 
DT  C5    C7     sing N N 144 
DT  C5    C6     doub N N 145 
DT  C7    H71    sing N N 146 
DT  C7    H72    sing N N 147 
DT  C7    H73    sing N N 148 
DT  C6    H6     sing N N 149 
HOH O     H1     sing N N 150 
HOH O     H2     sing N N 151 
# 
loop_
_ndb_struct_conf_na.entry_id 
_ndb_struct_conf_na.feature 
1D80 'double helix'         
1D80 'b-form double helix'  
1D80 'mismatched base pair' 
# 
loop_
_ndb_struct_na_base_pair.model_number 
_ndb_struct_na_base_pair.i_label_asym_id 
_ndb_struct_na_base_pair.i_label_comp_id 
_ndb_struct_na_base_pair.i_label_seq_id 
_ndb_struct_na_base_pair.i_symmetry 
_ndb_struct_na_base_pair.j_label_asym_id 
_ndb_struct_na_base_pair.j_label_comp_id 
_ndb_struct_na_base_pair.j_label_seq_id 
_ndb_struct_na_base_pair.j_symmetry 
_ndb_struct_na_base_pair.shear 
_ndb_struct_na_base_pair.stretch 
_ndb_struct_na_base_pair.stagger 
_ndb_struct_na_base_pair.buckle 
_ndb_struct_na_base_pair.propeller 
_ndb_struct_na_base_pair.opening 
_ndb_struct_na_base_pair.pair_number 
_ndb_struct_na_base_pair.pair_name 
_ndb_struct_na_base_pair.i_auth_asym_id 
_ndb_struct_na_base_pair.i_auth_seq_id 
_ndb_struct_na_base_pair.i_PDB_ins_code 
_ndb_struct_na_base_pair.j_auth_asym_id 
_ndb_struct_na_base_pair.j_auth_seq_id 
_ndb_struct_na_base_pair.j_PDB_ins_code 
_ndb_struct_na_base_pair.hbond_type_28 
_ndb_struct_na_base_pair.hbond_type_12 
1 A DC 1  1_555 B DG 12 1_555 0.139  -0.247 0.253  2.934  -9.431  -6.359  1  A_DC1:DG24_B  A 1  ? B 24 ? 19 1 
1 A DG 2  1_555 B DC 11 1_555 -0.072 -0.071 0.021  -2.708 -11.547 0.348   2  A_DG2:DC23_B  A 2  ? B 23 ? 19 1 
1 A DC 3  1_555 B DG 10 1_555 -0.319 -0.162 0.054  -0.104 -7.275  -5.892  3  A_DC3:DG22_B  A 3  ? B 22 ? 19 1 
1 A DG 4  1_555 B DG 9  1_555 0.717  3.634  0.375  -6.489 -21.442 -87.164 4  A_DG4:DG21_B  A 4  ? B 21 ? 6  3 
1 A DA 5  1_555 B DT 8  1_555 0.186  0.028  -0.265 9.080  -21.339 -4.218  5  A_DA5:DT20_B  A 5  ? B 20 ? 20 1 
1 A DA 6  1_555 B DT 7  1_555 -0.095 -0.076 0.156  2.936  -19.904 -1.565  6  A_DA6:DT19_B  A 6  ? B 19 ? 20 1 
1 A DT 7  1_555 B DA 6  1_555 -0.148 -0.011 0.063  -4.029 -19.291 -4.551  7  A_DT7:DA18_B  A 7  ? B 18 ? 20 1 
1 A DT 8  1_555 B DA 5  1_555 0.211  -0.092 -0.067 0.738  -23.341 -6.424  8  A_DT8:DA17_B  A 8  ? B 17 ? 20 1 
1 A DG 9  1_555 B DG 4  1_555 -0.868 -3.538 0.144  6.783  13.699  91.631  9  A_DG9:DG16_B  A 9  ? B 16 ? 6  3 
1 A DG 10 1_555 B DC 3  1_555 0.343  -0.102 -0.149 5.950  -2.842  -4.800  10 A_DG10:DC15_B A 10 ? B 15 ? 19 1 
1 A DC 11 1_555 B DG 2  1_555 0.587  -0.282 -0.043 13.389 -16.554 -3.411  11 A_DC11:DG14_B A 11 ? B 14 ? 19 1 
1 A DG 12 1_555 B DC 1  1_555 0.078  -0.119 -0.064 -5.622 -5.995  -4.970  12 A_DG12:DC13_B A 12 ? B 13 ? 19 1 
# 
loop_
_ndb_struct_na_base_pair_step.model_number 
_ndb_struct_na_base_pair_step.i_label_asym_id_1 
_ndb_struct_na_base_pair_step.i_label_comp_id_1 
_ndb_struct_na_base_pair_step.i_label_seq_id_1 
_ndb_struct_na_base_pair_step.i_symmetry_1 
_ndb_struct_na_base_pair_step.j_label_asym_id_1 
_ndb_struct_na_base_pair_step.j_label_comp_id_1 
_ndb_struct_na_base_pair_step.j_label_seq_id_1 
_ndb_struct_na_base_pair_step.j_symmetry_1 
_ndb_struct_na_base_pair_step.i_label_asym_id_2 
_ndb_struct_na_base_pair_step.i_label_comp_id_2 
_ndb_struct_na_base_pair_step.i_label_seq_id_2 
_ndb_struct_na_base_pair_step.i_symmetry_2 
_ndb_struct_na_base_pair_step.j_label_asym_id_2 
_ndb_struct_na_base_pair_step.j_label_comp_id_2 
_ndb_struct_na_base_pair_step.j_label_seq_id_2 
_ndb_struct_na_base_pair_step.j_symmetry_2 
_ndb_struct_na_base_pair_step.shift 
_ndb_struct_na_base_pair_step.slide 
_ndb_struct_na_base_pair_step.rise 
_ndb_struct_na_base_pair_step.tilt 
_ndb_struct_na_base_pair_step.roll 
_ndb_struct_na_base_pair_step.twist 
_ndb_struct_na_base_pair_step.x_displacement 
_ndb_struct_na_base_pair_step.y_displacement 
_ndb_struct_na_base_pair_step.helical_rise 
_ndb_struct_na_base_pair_step.inclination 
_ndb_struct_na_base_pair_step.tip 
_ndb_struct_na_base_pair_step.helical_twist 
_ndb_struct_na_base_pair_step.step_number 
_ndb_struct_na_base_pair_step.step_name 
_ndb_struct_na_base_pair_step.i_auth_asym_id_1 
_ndb_struct_na_base_pair_step.i_auth_seq_id_1 
_ndb_struct_na_base_pair_step.i_PDB_ins_code_1 
_ndb_struct_na_base_pair_step.j_auth_asym_id_1 
_ndb_struct_na_base_pair_step.j_auth_seq_id_1 
_ndb_struct_na_base_pair_step.j_PDB_ins_code_1 
_ndb_struct_na_base_pair_step.i_auth_asym_id_2 
_ndb_struct_na_base_pair_step.i_auth_seq_id_2 
_ndb_struct_na_base_pair_step.i_PDB_ins_code_2 
_ndb_struct_na_base_pair_step.j_auth_asym_id_2 
_ndb_struct_na_base_pair_step.j_auth_seq_id_2 
_ndb_struct_na_base_pair_step.j_PDB_ins_code_2 
1 A DC 1  1_555 B DG 12 1_555 A DG 2  1_555 B DC 11 1_555 -0.215 0.092  3.530  3.301    4.042    39.569 -0.367  0.726  3.494  
5.940   -4.851 39.898   1  AA_DC1DG2:DC23DG24_BB   A 1  ? B 24 ? A 2  ? B 23 ? 
1 A DG 2  1_555 B DC 11 1_555 A DC 3  1_555 B DG 10 1_555 0.419  0.488  3.178  0.342    0.778    36.151 0.680   -0.629 3.191  
1.253   -0.550 36.161   2  AA_DG2DC3:DG22DC23_BB   A 2  ? B 23 ? A 3  ? B 22 ? 
1 A DC 3  1_555 B DG 10 1_555 A DG 4  1_555 B DG 9  1_555 1.502  -0.924 3.339  2.979    2.739    75.213 -0.841  -1.137 3.357  
2.243   -2.439 75.306   3  AA_DC3DG4:DG21DG22_BB   A 3  ? B 22 ? A 4  ? B 21 ? 
1 A DG 4  1_555 B DG 9  1_555 A DA 5  1_555 B DT 8  1_555 -0.677 1.933  3.232  3.395    2.406    -8.414 -16.660 2.703  2.648  
-15.232 21.495 -9.386   4  AA_DG4DA5:DT20DG21_BB   A 4  ? B 21 ? A 5  ? B 20 ? 
1 A DA 5  1_555 B DT 8  1_555 A DA 6  1_555 B DT 7  1_555 -0.086 -0.318 3.204  -3.642   2.038    35.636 -0.802  -0.370 3.174  
3.316   5.926  35.872   5  AA_DA5DA6:DT19DT20_BB   A 5  ? B 20 ? A 6  ? B 19 ? 
1 A DA 6  1_555 B DT 7  1_555 A DT 7  1_555 B DA 6  1_555 0.231  -0.665 3.547  0.935    2.448    33.424 -1.588  -0.234 3.496  
4.249   -1.622 33.524   6  AA_DA6DT7:DA18DT19_BB   A 6  ? B 19 ? A 7  ? B 18 ? 
1 A DT 7  1_555 B DA 6  1_555 A DT 8  1_555 B DA 5  1_555 -0.452 -0.446 3.164  -1.531   -2.914   37.744 -0.322  0.504  3.204  
-4.494  2.361  37.882   7  AA_DT7DT8:DA17DA18_BB   A 7  ? B 18 ? A 8  ? B 17 ? 
1 A DT 8  1_555 B DA 5  1_555 A DG 9  1_555 B DG 4  1_555 0.678  -3.593 1.754  -174.744 13.525   38.372 -1.837  -0.847 -0.323 
6.885   88.956 175.529  8  AA_DT8DG9:DG16DA17_BB   A 8  ? B 17 ? A 9  ? B 16 ? 
1 A DG 9  1_555 B DG 4  1_555 A DG 10 1_555 B DC 3  1_555 -3.030 -1.540 -0.136 135.502  -111.796 -9.426 1.124   -1.088 1.341  
57.163  69.285 -175.682 9  AA_DG9DG10:DC15DG16_BB  A 9  ? B 16 ? A 10 ? B 15 ? 
1 A DG 10 1_555 B DC 3  1_555 A DC 11 1_555 B DG 2  1_555 -0.637 0.633  3.171  -2.686   -4.601   39.020 1.466   0.639  3.115  
-6.849  3.999  39.368   10 AA_DG10DC11:DG14DC15_BB A 10 ? B 15 ? A 11 ? B 14 ? 
1 A DC 11 1_555 B DG 2  1_555 A DG 12 1_555 B DC 1  1_555 -0.212 0.152  3.952  -0.091   2.643    38.177 -0.170  0.309  3.953  
4.036   0.139  38.265   11 AA_DC11DG12:DC13DG14_BB A 11 ? B 14 ? A 12 ? B 13 ? 
# 
_atom_sites.entry_id                    1D80 
_atom_sites.fract_transf_matrix[1][1]   0.03475246 
_atom_sites.fract_transf_matrix[1][2]   0.01670857 
_atom_sites.fract_transf_matrix[1][3]   -0.00762947 
_atom_sites.fract_transf_matrix[2][1]   0.00723554 
_atom_sites.fract_transf_matrix[2][2]   -0.00480922 
_atom_sites.fract_transf_matrix[2][3]   0.02242590 
_atom_sites.fract_transf_matrix[3][1]   0.00540938 
_atom_sites.fract_transf_matrix[3][2]   -0.01335583 
_atom_sites.fract_transf_matrix[3][3]   -0.00460944 
_atom_sites.fract_transf_vector[1]      0.600358 
_atom_sites.fract_transf_vector[2]      0.520274 
_atom_sites.fract_transf_vector[3]      0.125563 
# 
loop_
_atom_type.symbol 
C 
N 
O 
P 
# 
loop_
_atom_site.group_PDB 
_atom_site.id 
_atom_site.type_symbol 
_atom_site.label_atom_id 
_atom_site.label_alt_id 
_atom_site.label_comp_id 
_atom_site.label_asym_id 
_atom_site.label_entity_id 
_atom_site.label_seq_id 
_atom_site.pdbx_PDB_ins_code 
_atom_site.Cartn_x 
_atom_site.Cartn_y 
_atom_site.Cartn_z 
_atom_site.occupancy 
_atom_site.B_iso_or_equiv 
_atom_site.pdbx_formal_charge 
_atom_site.auth_seq_id 
_atom_site.auth_comp_id 
_atom_site.auth_asym_id 
_atom_site.auth_atom_id 
_atom_site.pdbx_PDB_model_num 
ATOM   1   O "O5'" . DC  A 1 1  ? 12.839  -16.053 6.726   1.00 39.64 ? 1  DC  A "O5'" 1 
ATOM   2   C "C5'" . DC  A 1 1  ? 13.355  -14.697 6.831   1.00 36.20 ? 1  DC  A "C5'" 1 
ATOM   3   C "C4'" . DC  A 1 1  ? 13.419  -14.201 5.402   1.00 37.33 ? 1  DC  A "C4'" 1 
ATOM   4   O "O4'" . DC  A 1 1  ? 12.546  -15.015 4.612   1.00 33.06 ? 1  DC  A "O4'" 1 
ATOM   5   C "C3'" . DC  A 1 1  ? 12.987  -12.764 5.180   1.00 37.26 ? 1  DC  A "C3'" 1 
ATOM   6   O "O3'" . DC  A 1 1  ? 13.799  -12.053 4.246   1.00 37.17 ? 1  DC  A "O3'" 1 
ATOM   7   C "C2'" . DC  A 1 1  ? 11.569  -12.929 4.625   1.00 34.26 ? 1  DC  A "C2'" 1 
ATOM   8   C "C1'" . DC  A 1 1  ? 11.913  -14.078 3.693   1.00 29.84 ? 1  DC  A "C1'" 1 
ATOM   9   N N1    . DC  A 1 1  ? 10.741  -14.668 3.071   1.00 23.40 ? 1  DC  A N1    1 
ATOM   10  C C2    . DC  A 1 1  ? 10.752  -14.843 1.705   1.00 19.96 ? 1  DC  A C2    1 
ATOM   11  O O2    . DC  A 1 1  ? 11.683  -14.439 0.997   1.00 21.85 ? 1  DC  A O2    1 
ATOM   12  N N3    . DC  A 1 1  ? 9.649   -15.419 1.148   1.00 20.72 ? 1  DC  A N3    1 
ATOM   13  C C4    . DC  A 1 1  ? 8.583   -15.809 1.873   1.00 24.22 ? 1  DC  A C4    1 
ATOM   14  N N4    . DC  A 1 1  ? 7.524   -16.373 1.264   1.00 29.31 ? 1  DC  A N4    1 
ATOM   15  C C5    . DC  A 1 1  ? 8.587   -15.657 3.277   1.00 23.30 ? 1  DC  A C5    1 
ATOM   16  C C6    . DC  A 1 1  ? 9.682   -15.082 3.832   1.00 24.17 ? 1  DC  A C6    1 
ATOM   17  P P     . DG  A 1 2  ? 13.962  -10.519 4.353   1.00 44.40 ? 2  DG  A P     1 
ATOM   18  O OP1   . DG  A 1 2  ? 15.320  -10.098 4.879   1.00 43.78 ? 2  DG  A OP1   1 
ATOM   19  O OP2   . DG  A 1 2  ? 12.845  -9.836  5.123   1.00 46.96 ? 2  DG  A OP2   1 
ATOM   20  O "O5'" . DG  A 1 2  ? 13.843  -10.009 2.846   1.00 47.23 ? 2  DG  A "O5'" 1 
ATOM   21  C "C5'" . DG  A 1 2  ? 15.109  -10.096 2.090   1.00 43.56 ? 2  DG  A "C5'" 1 
ATOM   22  C "C4'" . DG  A 1 2  ? 14.639  -9.699  0.690   1.00 33.67 ? 2  DG  A "C4'" 1 
ATOM   23  O "O4'" . DG  A 1 2  ? 13.632  -10.595 0.323   1.00 35.03 ? 2  DG  A "O4'" 1 
ATOM   24  C "C3'" . DG  A 1 2  ? 14.070  -8.290  0.667   1.00 32.94 ? 2  DG  A "C3'" 1 
ATOM   25  O "O3'" . DG  A 1 2  ? 14.863  -7.434  -0.186  1.00 33.03 ? 2  DG  A "O3'" 1 
ATOM   26  C "C2'" . DG  A 1 2  ? 12.617  -8.451  0.253   1.00 31.68 ? 2  DG  A "C2'" 1 
ATOM   27  C "C1'" . DG  A 1 2  ? 12.479  -9.888  -0.193  1.00 29.33 ? 2  DG  A "C1'" 1 
ATOM   28  N N9    . DG  A 1 2  ? 11.232  -10.519 0.279   1.00 25.68 ? 2  DG  A N9    1 
ATOM   29  C C8    . DG  A 1 2  ? 10.769  -10.580 1.566   1.00 24.26 ? 2  DG  A C8    1 
ATOM   30  N N7    . DG  A 1 2  ? 9.610   -11.200 1.677   1.00 26.92 ? 2  DG  A N7    1 
ATOM   31  C C5    . DG  A 1 2  ? 9.317   -11.601 0.367   1.00 19.65 ? 2  DG  A C5    1 
ATOM   32  C C6    . DG  A 1 2  ? 8.229   -12.346 -0.161  1.00 21.32 ? 2  DG  A C6    1 
ATOM   33  O O6    . DG  A 1 2  ? 7.236   -12.821 0.420   1.00 22.33 ? 2  DG  A O6    1 
ATOM   34  N N1    . DG  A 1 2  ? 8.240   -12.507 -1.527  1.00 12.21 ? 2  DG  A N1    1 
ATOM   35  C C2    . DG  A 1 2  ? 9.285   -12.012 -2.275  1.00 16.92 ? 2  DG  A C2    1 
ATOM   36  N N2    . DG  A 1 2  ? 9.201   -12.267 -3.609  1.00 13.87 ? 2  DG  A N2    1 
ATOM   37  N N3    . DG  A 1 2  ? 10.360  -11.379 -1.827  1.00 14.06 ? 2  DG  A N3    1 
ATOM   38  C C4    . DG  A 1 2  ? 10.302  -11.189 -0.492  1.00 18.98 ? 2  DG  A C4    1 
ATOM   39  P P     . DC  A 1 3  ? 14.504  -5.926  -0.397  1.00 36.17 ? 3  DC  A P     1 
ATOM   40  O OP1   . DC  A 1 3  ? 15.588  -4.998  0.049   1.00 41.73 ? 3  DC  A OP1   1 
ATOM   41  O OP2   . DC  A 1 3  ? 13.309  -5.810  0.575   1.00 27.11 ? 3  DC  A OP2   1 
ATOM   42  O "O5'" . DC  A 1 3  ? 14.011  -5.699  -1.831  1.00 43.99 ? 3  DC  A "O5'" 1 
ATOM   43  C "C5'" . DC  A 1 3  ? 14.140  -6.343  -3.112  1.00 40.27 ? 3  DC  A "C5'" 1 
ATOM   44  C "C4'" . DC  A 1 3  ? 12.752  -6.565  -3.666  1.00 33.93 ? 3  DC  A "C4'" 1 
ATOM   45  O "O4'" . DC  A 1 3  ? 11.986  -7.384  -2.774  1.00 32.36 ? 3  DC  A "O4'" 1 
ATOM   46  C "C3'" . DC  A 1 3  ? 11.910  -5.325  -3.860  1.00 32.87 ? 3  DC  A "C3'" 1 
ATOM   47  O "O3'" . DC  A 1 3  ? 11.766  -4.966  -5.244  1.00 41.26 ? 3  DC  A "O3'" 1 
ATOM   48  C "C2'" . DC  A 1 3  ? 10.535  -5.673  -3.317  1.00 30.05 ? 3  DC  A "C2'" 1 
ATOM   49  C "C1'" . DC  A 1 3  ? 10.604  -7.175  -3.224  1.00 25.65 ? 3  DC  A "C1'" 1 
ATOM   50  N N1    . DC  A 1 3  ? 9.686   -7.636  -2.206  1.00 21.37 ? 3  DC  A N1    1 
ATOM   51  C C2    . DC  A 1 3  ? 8.597   -8.436  -2.468  1.00 20.37 ? 3  DC  A C2    1 
ATOM   52  O O2    . DC  A 1 3  ? 8.351   -8.784  -3.614  1.00 23.93 ? 3  DC  A O2    1 
ATOM   53  N N3    . DC  A 1 3  ? 7.826   -8.817  -1.400  1.00 19.56 ? 3  DC  A N3    1 
ATOM   54  C C4    . DC  A 1 3  ? 8.135   -8.396  -0.130  1.00 13.16 ? 3  DC  A C4    1 
ATOM   55  N N4    . DC  A 1 3  ? 7.368   -8.824  0.860   1.00 22.90 ? 3  DC  A N4    1 
ATOM   56  C C5    . DC  A 1 3  ? 9.261   -7.591  0.139   1.00 21.49 ? 3  DC  A C5    1 
ATOM   57  C C6    . DC  A 1 3  ? 9.994   -7.229  -0.916  1.00 25.47 ? 3  DC  A C6    1 
ATOM   58  P P     . DG  A 1 4  ? 11.253  -3.415  -5.418  1.00 52.19 ? 4  DG  A P     1 
ATOM   59  O OP1   . DG  A 1 4  ? 12.380  -2.730  -6.188  1.00 48.48 ? 4  DG  A OP1   1 
ATOM   60  O OP2   . DG  A 1 4  ? 11.026  -2.908  -4.046  1.00 53.14 ? 4  DG  A OP2   1 
ATOM   61  O "O5'" . DG  A 1 4  ? 9.961   -3.780  -6.218  1.00 42.69 ? 4  DG  A "O5'" 1 
ATOM   62  C "C5'" . DG  A 1 4  ? 10.128  -4.826  -7.222  1.00 39.11 ? 4  DG  A "C5'" 1 
ATOM   63  C "C4'" . DG  A 1 4  ? 8.703   -5.073  -7.662  1.00 36.53 ? 4  DG  A "C4'" 1 
ATOM   64  O "O4'" . DG  A 1 4  ? 7.977   -5.651  -6.599  1.00 32.22 ? 4  DG  A "O4'" 1 
ATOM   65  C "C3'" . DG  A 1 4  ? 7.912   -3.804  -7.947  1.00 33.19 ? 4  DG  A "C3'" 1 
ATOM   66  O "O3'" . DG  A 1 4  ? 6.660   -4.086  -8.513  1.00 41.44 ? 4  DG  A "O3'" 1 
ATOM   67  C "C2'" . DG  A 1 4  ? 7.727   -3.321  -6.504  1.00 34.62 ? 4  DG  A "C2'" 1 
ATOM   68  C "C1'" . DG  A 1 4  ? 7.158   -4.659  -5.965  1.00 31.60 ? 4  DG  A "C1'" 1 
ATOM   69  N N9    . DG  A 1 4  ? 7.133   -4.603  -4.486  1.00 27.89 ? 4  DG  A N9    1 
ATOM   70  C C8    . DG  A 1 4  ? 7.808   -3.785  -3.611  1.00 25.63 ? 4  DG  A C8    1 
ATOM   71  N N7    . DG  A 1 4  ? 7.470   -3.968  -2.351  1.00 26.23 ? 4  DG  A N7    1 
ATOM   72  C C5    . DG  A 1 4  ? 6.488   -4.972  -2.418  1.00 22.17 ? 4  DG  A C5    1 
ATOM   73  C C6    . DG  A 1 4  ? 5.733   -5.634  -1.407  1.00 24.00 ? 4  DG  A C6    1 
ATOM   74  O O6    . DG  A 1 4  ? 5.857   -5.387  -0.199  1.00 23.78 ? 4  DG  A O6    1 
ATOM   75  N N1    . DG  A 1 4  ? 4.812   -6.554  -1.837  1.00 10.72 ? 4  DG  A N1    1 
ATOM   76  C C2    . DG  A 1 4  ? 4.716   -6.836  -3.152  1.00 23.17 ? 4  DG  A C2    1 
ATOM   77  N N2    . DG  A 1 4  ? 3.828   -7.772  -3.543  1.00 29.85 ? 4  DG  A N2    1 
ATOM   78  N N3    . DG  A 1 4  ? 5.410   -6.280  -4.147  1.00 27.06 ? 4  DG  A N3    1 
ATOM   79  C C4    . DG  A 1 4  ? 6.264   -5.338  -3.704  1.00 23.14 ? 4  DG  A C4    1 
ATOM   80  P P     . DA  A 1 5  ? 6.035   -3.004  -9.583  1.00 50.52 ? 5  DA  A P     1 
ATOM   81  O OP1   . DA  A 1 5  ? 6.823   -3.109  -10.849 1.00 48.40 ? 5  DA  A OP1   1 
ATOM   82  O OP2   . DA  A 1 5  ? 6.242   -1.829  -8.710  1.00 45.86 ? 5  DA  A OP2   1 
ATOM   83  O "O5'" . DA  A 1 5  ? 4.577   -3.678  -9.666  1.00 40.60 ? 5  DA  A "O5'" 1 
ATOM   84  C "C5'" . DA  A 1 5  ? 4.330   -4.985  -9.077  1.00 33.67 ? 5  DA  A "C5'" 1 
ATOM   85  C "C4'" . DA  A 1 5  ? 2.849   -5.199  -8.914  1.00 28.53 ? 5  DA  A "C4'" 1 
ATOM   86  O "O4'" . DA  A 1 5  ? 2.542   -5.413  -7.527  1.00 22.57 ? 5  DA  A "O4'" 1 
ATOM   87  C "C3'" . DA  A 1 5  ? 1.946   -4.029  -9.308  1.00 25.43 ? 5  DA  A "C3'" 1 
ATOM   88  O "O3'" . DA  A 1 5  ? 0.596   -4.376  -9.455  1.00 33.15 ? 5  DA  A "O3'" 1 
ATOM   89  C "C2'" . DA  A 1 5  ? 2.220   -3.147  -8.070  1.00 27.57 ? 5  DA  A "C2'" 1 
ATOM   90  C "C1'" . DA  A 1 5  ? 2.011   -4.208  -6.977  1.00 21.97 ? 5  DA  A "C1'" 1 
ATOM   91  N N9    . DA  A 1 5  ? 2.639   -3.758  -5.745  1.00 22.15 ? 5  DA  A N9    1 
ATOM   92  C C8    . DA  A 1 5  ? 3.607   -2.808  -5.559  1.00 20.91 ? 5  DA  A C8    1 
ATOM   93  N N7    . DA  A 1 5  ? 3.902   -2.612  -4.284  1.00 21.88 ? 5  DA  A N7    1 
ATOM   94  C C5    . DA  A 1 5  ? 3.134   -3.543  -3.594  1.00 17.36 ? 5  DA  A C5    1 
ATOM   95  C C6    . DA  A 1 5  ? 2.986   -3.820  -2.228  1.00 17.02 ? 5  DA  A C6    1 
ATOM   96  N N6    . DA  A 1 5  ? 3.647   -3.235  -1.241  1.00 22.01 ? 5  DA  A N6    1 
ATOM   97  N N1    . DA  A 1 5  ? 2.076   -4.785  -1.909  1.00 20.40 ? 5  DA  A N1    1 
ATOM   98  C C2    . DA  A 1 5  ? 1.364   -5.428  -2.878  1.00 18.39 ? 5  DA  A C2    1 
ATOM   99  N N3    . DA  A 1 5  ? 1.415   -5.201  -4.193  1.00 20.88 ? 5  DA  A N3    1 
ATOM   100 C C4    . DA  A 1 5  ? 2.326   -4.231  -4.479  1.00 24.23 ? 5  DA  A C4    1 
ATOM   101 P P     . DA  A 1 6  ? -0.832  -4.302  -10.084 1.00 39.03 ? 6  DA  A P     1 
ATOM   102 O OP1   . DA  A 1 6  ? -1.234  -5.397  -11.050 1.00 40.26 ? 6  DA  A OP1   1 
ATOM   103 O OP2   . DA  A 1 6  ? -0.765  -2.960  -10.772 1.00 30.52 ? 6  DA  A OP2   1 
ATOM   104 O "O5'" . DA  A 1 6  ? -1.886  -4.335  -8.885  1.00 25.44 ? 6  DA  A "O5'" 1 
ATOM   105 C "C5'" . DA  A 1 6  ? -2.370  -5.608  -8.432  1.00 22.93 ? 6  DA  A "C5'" 1 
ATOM   106 C "C4'" . DA  A 1 6  ? -2.857  -5.420  -7.009  1.00 24.73 ? 6  DA  A "C4'" 1 
ATOM   107 O "O4'" . DA  A 1 6  ? -1.879  -4.788  -6.195  1.00 24.63 ? 6  DA  A "O4'" 1 
ATOM   108 C "C3'" . DA  A 1 6  ? -4.109  -4.554  -6.909  1.00 28.35 ? 6  DA  A "C3'" 1 
ATOM   109 O "O3'" . DA  A 1 6  ? -5.178  -5.349  -6.379  1.00 27.99 ? 6  DA  A "O3'" 1 
ATOM   110 C "C2'" . DA  A 1 6  ? -3.659  -3.358  -6.071  1.00 28.31 ? 6  DA  A "C2'" 1 
ATOM   111 C "C1'" . DA  A 1 6  ? -2.563  -3.954  -5.250  1.00 20.04 ? 6  DA  A "C1'" 1 
ATOM   112 N N9    . DA  A 1 6  ? -1.563  -3.033  -4.724  1.00 15.72 ? 6  DA  A N9    1 
ATOM   113 C C8    . DA  A 1 6  ? -0.709  -2.219  -5.410  1.00 15.62 ? 6  DA  A C8    1 
ATOM   114 N N7    . DA  A 1 6  ? 0.120   -1.586  -4.622  1.00 20.42 ? 6  DA  A N7    1 
ATOM   115 C C5    . DA  A 1 6  ? -0.182  -2.040  -3.338  1.00 17.36 ? 6  DA  A C5    1 
ATOM   116 C C6    . DA  A 1 6  ? 0.348   -1.695  -2.066  1.00 16.48 ? 6  DA  A C6    1 
ATOM   117 N N6    . DA  A 1 6  ? 1.367   -0.866  -1.839  1.00 15.76 ? 6  DA  A N6    1 
ATOM   118 N N1    . DA  A 1 6  ? -0.292  -2.314  -1.025  1.00 17.89 ? 6  DA  A N1    1 
ATOM   119 C C2    . DA  A 1 6  ? -1.292  -3.218  -1.204  1.00 20.91 ? 6  DA  A C2    1 
ATOM   120 N N3    . DA  A 1 6  ? -1.832  -3.580  -2.374  1.00 21.43 ? 6  DA  A N3    1 
ATOM   121 C C4    . DA  A 1 6  ? -1.233  -2.916  -3.397  1.00 14.21 ? 6  DA  A C4    1 
ATOM   122 P P     . DT  A 1 7  ? -6.659  -4.832  -6.298  1.00 36.08 ? 7  DT  A P     1 
ATOM   123 O OP1   . DT  A 1 7  ? -7.738  -5.827  -6.176  1.00 34.23 ? 7  DT  A OP1   1 
ATOM   124 O OP2   . DT  A 1 7  ? -6.737  -3.733  -7.294  1.00 35.59 ? 7  DT  A OP2   1 
ATOM   125 O "O5'" . DT  A 1 7  ? -6.468  -4.131  -4.827  1.00 35.42 ? 7  DT  A "O5'" 1 
ATOM   126 C "C5'" . DT  A 1 7  ? -6.010  -4.934  -3.701  1.00 31.87 ? 7  DT  A "C5'" 1 
ATOM   127 C "C4'" . DT  A 1 7  ? -6.086  -3.948  -2.543  1.00 31.08 ? 7  DT  A "C4'" 1 
ATOM   128 O "O4'" . DT  A 1 7  ? -4.980  -3.068  -2.582  1.00 28.80 ? 7  DT  A "O4'" 1 
ATOM   129 C "C3'" . DT  A 1 7  ? -7.334  -3.047  -2.545  1.00 23.55 ? 7  DT  A "C3'" 1 
ATOM   130 O "O3'" . DT  A 1 7  ? -8.017  -3.311  -1.319  1.00 32.50 ? 7  DT  A "O3'" 1 
ATOM   131 C "C2'" . DT  A 1 7  ? -6.792  -1.644  -2.717  1.00 14.22 ? 7  DT  A "C2'" 1 
ATOM   132 C "C1'" . DT  A 1 7  ? -5.447  -1.770  -2.095  1.00 15.37 ? 7  DT  A "C1'" 1 
ATOM   133 N N1    . DT  A 1 7  ? -4.395  -0.819  -2.445  1.00 19.45 ? 7  DT  A N1    1 
ATOM   134 C C2    . DT  A 1 7  ? -3.598  -0.425  -1.373  1.00 17.80 ? 7  DT  A C2    1 
ATOM   135 O O2    . DT  A 1 7  ? -3.873  -0.837  -0.240  1.00 21.07 ? 7  DT  A O2    1 
ATOM   136 N N3    . DT  A 1 7  ? -2.556  0.443   -1.581  1.00 16.07 ? 7  DT  A N3    1 
ATOM   137 C C4    . DT  A 1 7  ? -2.249  0.856   -2.830  1.00 14.33 ? 7  DT  A C4    1 
ATOM   138 O O4    . DT  A 1 7  ? -1.226  1.592   -2.981  1.00 20.57 ? 7  DT  A O4    1 
ATOM   139 C C5    . DT  A 1 7  ? -3.023  0.391   -3.930  1.00 16.77 ? 7  DT  A C5    1 
ATOM   140 C C7    . DT  A 1 7  ? -2.699  0.856   -5.330  1.00 21.04 ? 7  DT  A C7    1 
ATOM   141 C C6    . DT  A 1 7  ? -4.067  -0.431  -3.707  1.00 19.53 ? 7  DT  A C6    1 
ATOM   142 P P     . DT  A 1 8  ? -9.060  -2.475  -0.607  1.00 34.48 ? 8  DT  A P     1 
ATOM   143 O OP1   . DT  A 1 8  ? -10.458 -3.239  -0.642  1.00 36.81 ? 8  DT  A OP1   1 
ATOM   144 O OP2   . DT  A 1 8  ? -9.100  -1.449  -1.783  1.00 33.50 ? 8  DT  A OP2   1 
ATOM   145 O "O5'" . DT  A 1 8  ? -8.823  -1.949  0.731   1.00 25.24 ? 8  DT  A "O5'" 1 
ATOM   146 C "C5'" . DT  A 1 8  ? -8.366  -2.389  2.019   1.00 24.68 ? 8  DT  A "C5'" 1 
ATOM   147 C "C4'" . DT  A 1 8  ? -7.712  -1.172  2.643   1.00 23.50 ? 8  DT  A "C4'" 1 
ATOM   148 O "O4'" . DT  A 1 8  ? -6.805  -0.606  1.724   1.00 21.92 ? 8  DT  A "O4'" 1 
ATOM   149 C "C3'" . DT  A 1 8  ? -8.655  -0.055  3.077   1.00 28.20 ? 8  DT  A "C3'" 1 
ATOM   150 O "O3'" . DT  A 1 8  ? -8.503  0.269   4.461   1.00 38.04 ? 8  DT  A "O3'" 1 
ATOM   151 C "C2'" . DT  A 1 8  ? -8.251  1.118   2.190   1.00 26.08 ? 8  DT  A "C2'" 1 
ATOM   152 C "C1'" . DT  A 1 8  ? -6.780  0.831   2.037   1.00 22.47 ? 8  DT  A "C1'" 1 
ATOM   153 N N1    . DT  A 1 8  ? -6.136  1.625   0.992   1.00 20.72 ? 8  DT  A N1    1 
ATOM   154 C C2    . DT  A 1 8  ? -4.941  2.242   1.322   1.00 22.06 ? 8  DT  A C2    1 
ATOM   155 O O2    . DT  A 1 8  ? -4.469  2.159   2.441   1.00 26.20 ? 8  DT  A O2    1 
ATOM   156 N N3    . DT  A 1 8  ? -4.278  2.998   0.365   1.00 24.08 ? 8  DT  A N3    1 
ATOM   157 C C4    . DT  A 1 8  ? -4.782  3.058   -0.922  1.00 17.75 ? 8  DT  A C4    1 
ATOM   158 O O4    . DT  A 1 8  ? -4.066  3.737   -1.680  1.00 20.83 ? 8  DT  A O4    1 
ATOM   159 C C5    . DT  A 1 8  ? -5.966  2.387   -1.255  1.00 18.80 ? 8  DT  A C5    1 
ATOM   160 C C7    . DT  A 1 8  ? -6.576  2.447   -2.645  1.00 21.91 ? 8  DT  A C7    1 
ATOM   161 C C6    . DT  A 1 8  ? -6.612  1.688   -0.291  1.00 18.30 ? 8  DT  A C6    1 
ATOM   162 P P     . DG  A 1 9  ? -9.524  0.556   5.708   1.00 44.36 ? 9  DG  A P     1 
ATOM   163 O OP1   . DG  A 1 9  ? -9.193  -0.616  6.630   1.00 40.02 ? 9  DG  A OP1   1 
ATOM   164 O OP2   . DG  A 1 9  ? -10.892 0.494   5.107   1.00 39.21 ? 9  DG  A OP2   1 
ATOM   165 O "O5'" . DG  A 1 9  ? -8.932  1.921   6.180   1.00 34.83 ? 9  DG  A "O5'" 1 
ATOM   166 C "C5'" . DG  A 1 9  ? -7.478  1.776   6.376   1.00 33.82 ? 9  DG  A "C5'" 1 
ATOM   167 C "C4'" . DG  A 1 9  ? -7.099  3.090   7.048   1.00 37.46 ? 9  DG  A "C4'" 1 
ATOM   168 O "O4'" . DG  A 1 9  ? -6.019  3.657   6.304   1.00 36.68 ? 9  DG  A "O4'" 1 
ATOM   169 C "C3'" . DG  A 1 9  ? -8.217  4.118   7.054   1.00 40.42 ? 9  DG  A "C3'" 1 
ATOM   170 O "O3'" . DG  A 1 9  ? -8.157  5.132   8.050   1.00 46.33 ? 9  DG  A "O3'" 1 
ATOM   171 C "C2'" . DG  A 1 9  ? -7.987  4.752   5.661   1.00 37.13 ? 9  DG  A "C2'" 1 
ATOM   172 C "C1'" . DG  A 1 9  ? -6.459  4.926   5.821   1.00 35.02 ? 9  DG  A "C1'" 1 
ATOM   173 N N9    . DG  A 1 9  ? -5.918  5.343   4.532   1.00 32.81 ? 9  DG  A N9    1 
ATOM   174 C C8    . DG  A 1 9  ? -4.738  5.968   4.237   1.00 27.49 ? 9  DG  A C8    1 
ATOM   175 N N7    . DG  A 1 9  ? -4.624  6.251   2.963   1.00 34.22 ? 9  DG  A N7    1 
ATOM   176 C C5    . DG  A 1 9  ? -5.800  5.793   2.392   1.00 32.30 ? 9  DG  A C5    1 
ATOM   177 C C6    . DG  A 1 9  ? -6.283  5.809   1.058   1.00 31.75 ? 9  DG  A C6    1 
ATOM   178 O O6    . DG  A 1 9  ? -5.697  6.257   0.082   1.00 32.35 ? 9  DG  A O6    1 
ATOM   179 N N1    . DG  A 1 9  ? -7.521  5.248   0.887   1.00 28.79 ? 9  DG  A N1    1 
ATOM   180 C C2    . DG  A 1 9  ? -8.236  4.719   1.926   1.00 27.61 ? 9  DG  A C2    1 
ATOM   181 N N2    . DG  A 1 9  ? -9.446  4.221   1.604   1.00 28.41 ? 9  DG  A N2    1 
ATOM   182 N N3    . DG  A 1 9  ? -7.834  4.673   3.183   1.00 29.01 ? 9  DG  A N3    1 
ATOM   183 C C4    . DG  A 1 9  ? -6.616  5.231   3.346   1.00 30.62 ? 9  DG  A C4    1 
ATOM   184 P P     . DG  A 1 10 ? -7.844  5.081   9.605   1.00 50.95 ? 10 DG  A P     1 
ATOM   185 O OP1   . DG  A 1 10 ? -7.161  3.800   9.909   1.00 43.86 ? 10 DG  A OP1   1 
ATOM   186 O OP2   . DG  A 1 10 ? -9.167  5.373   10.287  1.00 41.25 ? 10 DG  A OP2   1 
ATOM   187 O "O5'" . DG  A 1 10 ? -6.898  6.397   9.872   1.00 47.67 ? 10 DG  A "O5'" 1 
ATOM   188 C "C5'" . DG  A 1 10 ? -5.602  6.415   9.195   1.00 44.69 ? 10 DG  A "C5'" 1 
ATOM   189 C "C4'" . DG  A 1 10 ? -5.469  7.862   8.740   1.00 41.29 ? 10 DG  A "C4'" 1 
ATOM   190 O "O4'" . DG  A 1 10 ? -5.674  8.010   7.353   1.00 38.33 ? 10 DG  A "O4'" 1 
ATOM   191 C "C3'" . DG  A 1 10 ? -6.498  8.776   9.397   1.00 43.44 ? 10 DG  A "C3'" 1 
ATOM   192 O "O3'" . DG  A 1 10 ? -5.895  10.010  9.695   1.00 50.88 ? 10 DG  A "O3'" 1 
ATOM   193 C "C2'" . DG  A 1 10 ? -7.598  8.833   8.306   1.00 39.98 ? 10 DG  A "C2'" 1 
ATOM   194 C "C1'" . DG  A 1 10 ? -6.709  8.997   7.096   1.00 34.82 ? 10 DG  A "C1'" 1 
ATOM   195 N N9    . DG  A 1 10 ? -7.366  8.738   5.817   1.00 33.07 ? 10 DG  A N9    1 
ATOM   196 C C8    . DG  A 1 10 ? -8.558  8.096   5.560   1.00 31.39 ? 10 DG  A C8    1 
ATOM   197 N N7    . DG  A 1 10 ? -8.843  8.003   4.281   1.00 30.43 ? 10 DG  A N7    1 
ATOM   198 C C5    . DG  A 1 10 ? -7.753  8.594   3.655   1.00 26.62 ? 10 DG  A C5    1 
ATOM   199 C C6    . DG  A 1 10 ? -7.483  8.820   2.278   1.00 26.44 ? 10 DG  A C6    1 
ATOM   200 O O6    . DG  A 1 10 ? -8.229  8.487   1.346   1.00 19.15 ? 10 DG  A O6    1 
ATOM   201 N N1    . DG  A 1 10 ? -6.288  9.462   2.034   1.00 23.01 ? 10 DG  A N1    1 
ATOM   202 C C2    . DG  A 1 10 ? -5.468  9.879   3.024   1.00 22.72 ? 10 DG  A C2    1 
ATOM   203 N N2    . DG  A 1 10 ? -4.339  10.497  2.604   1.00 23.84 ? 10 DG  A N2    1 
ATOM   204 N N3    . DG  A 1 10 ? -5.687  9.704   4.336   1.00 31.10 ? 10 DG  A N3    1 
ATOM   205 C C4    . DG  A 1 10 ? -6.843  9.049   4.577   1.00 27.60 ? 10 DG  A C4    1 
ATOM   206 P P     . DC  A 1 11 ? -5.226  11.003  10.704  1.00 55.74 ? 11 DC  A P     1 
ATOM   207 O OP1   . DC  A 1 11 ? -4.357  10.251  11.668  1.00 58.57 ? 11 DC  A OP1   1 
ATOM   208 O OP2   . DC  A 1 11 ? -6.453  11.611  11.301  1.00 50.75 ? 11 DC  A OP2   1 
ATOM   209 O "O5'" . DC  A 1 11 ? -4.391  12.017  9.743   1.00 48.80 ? 11 DC  A "O5'" 1 
ATOM   210 C "C5'" . DC  A 1 11 ? -3.016  11.868  9.338   1.00 44.62 ? 11 DC  A "C5'" 1 
ATOM   211 C "C4'" . DC  A 1 11 ? -2.688  12.808  8.194   1.00 43.62 ? 11 DC  A "C4'" 1 
ATOM   212 O "O4'" . DC  A 1 11 ? -3.505  12.475  7.072   1.00 38.28 ? 11 DC  A "O4'" 1 
ATOM   213 C "C3'" . DC  A 1 11 ? -2.911  14.305  8.432   1.00 43.58 ? 11 DC  A "C3'" 1 
ATOM   214 O "O3'" . DC  A 1 11 ? -2.124  15.188  7.640   1.00 47.50 ? 11 DC  A "O3'" 1 
ATOM   215 C "C2'" . DC  A 1 11 ? -4.411  14.411  8.077   1.00 37.54 ? 11 DC  A "C2'" 1 
ATOM   216 C "C1'" . DC  A 1 11 ? -4.366  13.629  6.798   1.00 34.38 ? 11 DC  A "C1'" 1 
ATOM   217 N N1    . DC  A 1 11 ? -5.688  13.169  6.359   1.00 30.75 ? 11 DC  A N1    1 
ATOM   218 C C2    . DC  A 1 11 ? -5.789  13.077  4.990   1.00 25.77 ? 11 DC  A C2    1 
ATOM   219 O O2    . DC  A 1 11 ? -4.860  13.390  4.262   1.00 26.54 ? 11 DC  A O2    1 
ATOM   220 N N3    . DC  A 1 11 ? -6.960  12.662  4.427   1.00 23.32 ? 11 DC  A N3    1 
ATOM   221 C C4    . DC  A 1 11 ? -7.986  12.265  5.199   1.00 24.93 ? 11 DC  A C4    1 
ATOM   222 N N4    . DC  A 1 11 ? -9.113  11.789  4.667   1.00 28.67 ? 11 DC  A N4    1 
ATOM   223 C C5    . DC  A 1 11 ? -7.895  12.366  6.618   1.00 28.22 ? 11 DC  A C5    1 
ATOM   224 C C6    . DC  A 1 11 ? -6.721  12.790  7.156   1.00 30.91 ? 11 DC  A C6    1 
ATOM   225 P P     . DG  A 1 12 ? -2.359  16.622  6.922   1.00 53.58 ? 12 DG  A P     1 
ATOM   226 O OP1   . DG  A 1 12 ? -2.861  17.874  7.611   1.00 52.67 ? 12 DG  A OP1   1 
ATOM   227 O OP2   . DG  A 1 12 ? -3.404  16.323  5.933   1.00 50.38 ? 12 DG  A OP2   1 
ATOM   228 O "O5'" . DG  A 1 12 ? -0.832  16.920  6.417   1.00 50.54 ? 12 DG  A "O5'" 1 
ATOM   229 C "C5'" . DG  A 1 12 ? -0.548  16.878  5.006   1.00 50.71 ? 12 DG  A "C5'" 1 
ATOM   230 C "C4'" . DG  A 1 12 ? -1.517  17.808  4.301   1.00 52.55 ? 12 DG  A "C4'" 1 
ATOM   231 O "O4'" . DG  A 1 12 ? -2.787  17.198  4.098   1.00 48.73 ? 12 DG  A "O4'" 1 
ATOM   232 C "C3'" . DG  A 1 12 ? -1.798  19.132  5.014   1.00 53.35 ? 12 DG  A "C3'" 1 
ATOM   233 O "O3'" . DG  A 1 12 ? -1.558  20.237  4.112   1.00 58.50 ? 12 DG  A "O3'" 1 
ATOM   234 C "C2'" . DG  A 1 12 ? -3.253  19.027  5.457   1.00 49.90 ? 12 DG  A "C2'" 1 
ATOM   235 C "C1'" . DG  A 1 12 ? -3.833  18.172  4.345   1.00 42.78 ? 12 DG  A "C1'" 1 
ATOM   236 N N9    . DG  A 1 12 ? -5.092  17.540  4.741   1.00 38.23 ? 12 DG  A N9    1 
ATOM   237 C C8    . DG  A 1 12 ? -5.508  17.143  5.990   1.00 34.35 ? 12 DG  A C8    1 
ATOM   238 N N7    . DG  A 1 12 ? -6.689  16.587  6.020   1.00 31.05 ? 12 DG  A N7    1 
ATOM   239 C C5    . DG  A 1 12 ? -7.083  16.618  4.686   1.00 29.79 ? 12 DG  A C5    1 
ATOM   240 C C6    . DG  A 1 12 ? -8.275  16.172  4.061   1.00 31.50 ? 12 DG  A C6    1 
ATOM   241 O O6    . DG  A 1 12 ? -9.220  15.607  4.632   1.00 32.12 ? 12 DG  A O6    1 
ATOM   242 N N1    . DG  A 1 12 ? -8.318  16.364  2.716   1.00 30.96 ? 12 DG  A N1    1 
ATOM   243 C C2    . DG  A 1 12 ? -7.286  16.951  2.032   1.00 33.01 ? 12 DG  A C2    1 
ATOM   244 N N2    . DG  A 1 12 ? -7.508  17.088  0.701   1.00 36.81 ? 12 DG  A N2    1 
ATOM   245 N N3    . DG  A 1 12 ? -6.137  17.379  2.551   1.00 28.30 ? 12 DG  A N3    1 
ATOM   246 C C4    . DG  A 1 12 ? -6.114  17.181  3.888   1.00 33.75 ? 12 DG  A C4    1 
ATOM   247 O "O5'" . DC  B 1 1  ? -16.415 15.710  -3.961  1.00 37.84 ? 13 DC  B "O5'" 1 
ATOM   248 C "C5'" . DC  B 1 1  ? -15.429 15.253  -2.974  1.00 43.53 ? 13 DC  B "C5'" 1 
ATOM   249 C "C4'" . DC  B 1 1  ? -14.050 15.684  -3.428  1.00 43.61 ? 13 DC  B "C4'" 1 
ATOM   250 O "O4'" . DC  B 1 1  ? -13.239 16.074  -2.327  1.00 41.83 ? 13 DC  B "O4'" 1 
ATOM   251 C "C3'" . DC  B 1 1  ? -13.205 14.626  -4.124  1.00 45.39 ? 13 DC  B "C3'" 1 
ATOM   252 O "O3'" . DC  B 1 1  ? -12.251 15.202  -5.017  1.00 47.08 ? 13 DC  B "O3'" 1 
ATOM   253 C "C2'" . DC  B 1 1  ? -12.528 13.963  -2.924  1.00 43.15 ? 13 DC  B "C2'" 1 
ATOM   254 C "C1'" . DC  B 1 1  ? -12.076 15.223  -2.207  1.00 37.00 ? 13 DC  B "C1'" 1 
ATOM   255 N N1    . DC  B 1 1  ? -11.812 15.002  -0.800  1.00 33.29 ? 13 DC  B N1    1 
ATOM   256 C C2    . DC  B 1 1  ? -10.733 15.597  -0.174  1.00 34.77 ? 13 DC  B C2    1 
ATOM   257 O O2    . DC  B 1 1  ? -9.924  16.233  -0.852  1.00 30.93 ? 13 DC  B O2    1 
ATOM   258 N N3    . DC  B 1 1  ? -10.607 15.411  1.186   1.00 35.08 ? 13 DC  B N3    1 
ATOM   259 C C4    . DC  B 1 1  ? -11.511 14.675  1.890   1.00 33.20 ? 13 DC  B C4    1 
ATOM   260 N N4    . DC  B 1 1  ? -11.363 14.476  3.201   1.00 29.70 ? 13 DC  B N4    1 
ATOM   261 C C5    . DC  B 1 1  ? -12.618 14.091  1.240   1.00 35.52 ? 13 DC  B C5    1 
ATOM   262 C C6    . DC  B 1 1  ? -12.738 14.289  -0.084  1.00 36.72 ? 13 DC  B C6    1 
ATOM   263 P P     . DG  B 1 2  ? -11.353 14.229  -5.877  1.00 51.72 ? 14 DG  B P     1 
ATOM   264 O OP1   . DG  B 1 2  ? -12.363 13.820  -6.918  1.00 54.63 ? 14 DG  B OP1   1 
ATOM   265 O OP2   . DG  B 1 2  ? -10.805 13.000  -5.230  1.00 50.12 ? 14 DG  B OP2   1 
ATOM   266 O "O5'" . DG  B 1 2  ? -10.149 15.246  -6.283  1.00 46.28 ? 14 DG  B "O5'" 1 
ATOM   267 C "C5'" . DG  B 1 2  ? -9.718  16.184  -5.263  1.00 43.86 ? 14 DG  B "C5'" 1 
ATOM   268 C "C4'" . DG  B 1 2  ? -8.257  15.865  -4.969  1.00 40.56 ? 14 DG  B "C4'" 1 
ATOM   269 O "O4'" . DG  B 1 2  ? -8.019  15.679  -3.583  1.00 42.26 ? 14 DG  B "O4'" 1 
ATOM   270 C "C3'" . DG  B 1 2  ? -7.747  14.618  -5.678  1.00 35.85 ? 14 DG  B "C3'" 1 
ATOM   271 O "O3'" . DG  B 1 2  ? -6.592  14.971  -6.434  1.00 35.40 ? 14 DG  B "O3'" 1 
ATOM   272 C "C2'" . DG  B 1 2  ? -7.459  13.618  -4.589  1.00 32.78 ? 14 DG  B "C2'" 1 
ATOM   273 C "C1'" . DG  B 1 2  ? -7.298  14.458  -3.342  1.00 31.69 ? 14 DG  B "C1'" 1 
ATOM   274 N N9    . DG  B 1 2  ? -7.849  13.706  -2.201  1.00 27.29 ? 14 DG  B N9    1 
ATOM   275 C C8    . DG  B 1 2  ? -9.008  12.963  -2.254  1.00 26.16 ? 14 DG  B C8    1 
ATOM   276 N N7    . DG  B 1 2  ? -9.324  12.408  -1.126  1.00 28.57 ? 14 DG  B N7    1 
ATOM   277 C C5    . DG  B 1 2  ? -8.289  12.807  -0.263  1.00 26.73 ? 14 DG  B C5    1 
ATOM   278 C C6    . DG  B 1 2  ? -8.030  12.464  1.095   1.00 20.85 ? 14 DG  B C6    1 
ATOM   279 O O6    . DG  B 1 2  ? -8.686  11.789  1.871   1.00 23.35 ? 14 DG  B O6    1 
ATOM   280 N N1    . DG  B 1 2  ? -6.924  13.057  1.588   1.00 20.64 ? 14 DG  B N1    1 
ATOM   281 C C2    . DG  B 1 2  ? -6.088  13.832  0.865   1.00 20.18 ? 14 DG  B C2    1 
ATOM   282 N N2    . DG  B 1 2  ? -5.052  14.281  1.586   1.00 25.69 ? 14 DG  B N2    1 
ATOM   283 N N3    . DG  B 1 2  ? -6.263  14.162  -0.403  1.00 24.35 ? 14 DG  B N3    1 
ATOM   284 C C4    . DG  B 1 2  ? -7.382  13.603  -0.920  1.00 22.65 ? 14 DG  B C4    1 
ATOM   285 P P     . DC  B 1 3  ? -5.531  13.964  -6.952  1.00 46.48 ? 15 DC  B P     1 
ATOM   286 O OP1   . DC  B 1 3  ? -4.667  14.497  -8.070  1.00 30.56 ? 15 DC  B OP1   1 
ATOM   287 O OP2   . DC  B 1 3  ? -6.234  12.773  -7.431  1.00 44.86 ? 15 DC  B OP2   1 
ATOM   288 O "O5'" . DC  B 1 3  ? -4.712  13.730  -5.554  1.00 34.56 ? 15 DC  B "O5'" 1 
ATOM   289 C "C5'" . DC  B 1 3  ? -3.400  14.366  -5.640  1.00 26.97 ? 15 DC  B "C5'" 1 
ATOM   290 C "C4'" . DC  B 1 3  ? -2.759  14.027  -4.296  1.00 29.08 ? 15 DC  B "C4'" 1 
ATOM   291 O "O4'" . DC  B 1 3  ? -3.735  13.479  -3.421  1.00 27.62 ? 15 DC  B "O4'" 1 
ATOM   292 C "C3'" . DC  B 1 3  ? -1.663  13.014  -4.390  1.00 28.69 ? 15 DC  B "C3'" 1 
ATOM   293 O "O3'" . DC  B 1 3  ? -0.427  13.472  -3.835  1.00 33.27 ? 15 DC  B "O3'" 1 
ATOM   294 C "C2'" . DC  B 1 3  ? -2.161  11.792  -3.604  1.00 31.14 ? 15 DC  B "C2'" 1 
ATOM   295 C "C1'" . DC  B 1 3  ? -3.112  12.407  -2.643  1.00 23.91 ? 15 DC  B "C1'" 1 
ATOM   296 N N1    . DC  B 1 3  ? -4.196  11.514  -2.236  1.00 22.99 ? 15 DC  B N1    1 
ATOM   297 C C2    . DC  B 1 3  ? -4.412  11.241  -0.897  1.00 20.41 ? 15 DC  B C2    1 
ATOM   298 O O2    . DC  B 1 3  ? -3.606  11.667  -0.080  1.00 22.75 ? 15 DC  B O2    1 
ATOM   299 N N3    . DC  B 1 3  ? -5.494  10.482  -0.553  1.00 20.75 ? 15 DC  B N3    1 
ATOM   300 C C4    . DC  B 1 3  ? -6.320  10.032  -1.565  1.00 20.95 ? 15 DC  B C4    1 
ATOM   301 N N4    . DC  B 1 3  ? -7.357  9.297   -1.174  1.00 25.27 ? 15 DC  B N4    1 
ATOM   302 C C5    . DC  B 1 3  ? -6.126  10.355  -2.923  1.00 19.69 ? 15 DC  B C5    1 
ATOM   303 C C6    . DC  B 1 3  ? -5.075  11.122  -3.219  1.00 19.35 ? 15 DC  B C6    1 
ATOM   304 P P     . DG  B 1 4  ? 0.516   12.174  -4.627  1.00 43.88 ? 16 DG  B P     1 
ATOM   305 O OP1   . DG  B 1 4  ? 1.430   13.096  -5.339  1.00 39.50 ? 16 DG  B OP1   1 
ATOM   306 O OP2   . DG  B 1 4  ? -0.579  11.506  -5.323  1.00 34.97 ? 16 DG  B OP2   1 
ATOM   307 O "O5'" . DG  B 1 4  ? 1.054   11.678  -3.168  1.00 42.15 ? 16 DG  B "O5'" 1 
ATOM   308 C "C5'" . DG  B 1 4  ? 1.685   12.784  -2.421  1.00 35.89 ? 16 DG  B "C5'" 1 
ATOM   309 C "C4'" . DG  B 1 4  ? 2.037   12.154  -1.095  1.00 35.71 ? 16 DG  B "C4'" 1 
ATOM   310 O "O4'" . DG  B 1 4  ? 0.877   11.498  -0.599  1.00 34.87 ? 16 DG  B "O4'" 1 
ATOM   311 C "C3'" . DG  B 1 4  ? 3.088   11.045  -1.137  1.00 34.87 ? 16 DG  B "C3'" 1 
ATOM   312 O "O3'" . DG  B 1 4  ? 3.585   10.628  0.111   1.00 34.76 ? 16 DG  B "O3'" 1 
ATOM   313 C "C2'" . DG  B 1 4  ? 2.194   9.944   -1.775  1.00 36.81 ? 16 DG  B "C2'" 1 
ATOM   314 C "C1'" . DG  B 1 4  ? 1.052   10.084  -0.744  1.00 30.67 ? 16 DG  B "C1'" 1 
ATOM   315 N N9    . DG  B 1 4  ? -0.124  9.405   -1.286  1.00 26.32 ? 16 DG  B N9    1 
ATOM   316 C C8    . DG  B 1 4  ? -0.354  9.096   -2.589  1.00 22.89 ? 16 DG  B C8    1 
ATOM   317 N N7    . DG  B 1 4  ? -1.471  8.456   -2.786  1.00 24.44 ? 16 DG  B N7    1 
ATOM   318 C C5    . DG  B 1 4  ? -1.980  8.297   -1.509  1.00 19.92 ? 16 DG  B C5    1 
ATOM   319 C C6    . DG  B 1 4  ? -3.196  7.712   -1.068  1.00 18.25 ? 16 DG  B C6    1 
ATOM   320 O O6    . DG  B 1 4  ? -4.035  7.223   -1.808  1.00 23.88 ? 16 DG  B O6    1 
ATOM   321 N N1    . DG  B 1 4  ? -3.376  7.766   0.276   1.00 16.97 ? 16 DG  B N1    1 
ATOM   322 C C2    . DG  B 1 4  ? -2.488  8.338   1.116   1.00 14.42 ? 16 DG  B C2    1 
ATOM   323 N N2    . DG  B 1 4  ? -2.848  8.346   2.406   1.00 19.96 ? 16 DG  B N2    1 
ATOM   324 N N3    . DG  B 1 4  ? -1.320  8.907   0.772   1.00 21.72 ? 16 DG  B N3    1 
ATOM   325 C C4    . DG  B 1 4  ? -1.166  8.873   -0.578  1.00 21.59 ? 16 DG  B C4    1 
ATOM   326 P P     . DA  B 1 5  ? 4.695   9.987   1.012   1.00 35.50 ? 17 DA  B P     1 
ATOM   327 O OP1   . DA  B 1 5  ? 5.397   11.074  1.879   1.00 27.96 ? 17 DA  B OP1   1 
ATOM   328 O OP2   . DA  B 1 5  ? 5.472   9.193   0.083   1.00 20.95 ? 17 DA  B OP2   1 
ATOM   329 O "O5'" . DA  B 1 5  ? 3.868   9.197   2.180   1.00 34.32 ? 17 DA  B "O5'" 1 
ATOM   330 C "C5'" . DA  B 1 5  ? 3.509   10.138  3.264   1.00 30.60 ? 17 DA  B "C5'" 1 
ATOM   331 C "C4'" . DA  B 1 5  ? 2.717   9.252   4.204   1.00 29.87 ? 17 DA  B "C4'" 1 
ATOM   332 O "O4'" . DA  B 1 5  ? 1.610   8.694   3.526   1.00 30.40 ? 17 DA  B "O4'" 1 
ATOM   333 C "C3'" . DA  B 1 5  ? 3.507   8.033   4.673   1.00 31.45 ? 17 DA  B "C3'" 1 
ATOM   334 O "O3'" . DA  B 1 5  ? 3.003   7.447   5.869   1.00 33.69 ? 17 DA  B "O3'" 1 
ATOM   335 C "C2'" . DA  B 1 5  ? 3.339   7.152   3.406   1.00 23.99 ? 17 DA  B "C2'" 1 
ATOM   336 C "C1'" . DA  B 1 5  ? 1.821   7.271   3.322   1.00 21.85 ? 17 DA  B "C1'" 1 
ATOM   337 N N9    . DA  B 1 5  ? 1.284   6.741   2.076   1.00 23.17 ? 17 DA  B N9    1 
ATOM   338 C C8    . DA  B 1 5  ? 1.779   6.797   0.782   1.00 22.62 ? 17 DA  B C8    1 
ATOM   339 N N7    . DA  B 1 5  ? 1.032   6.182   -0.116  1.00 17.24 ? 17 DA  B N7    1 
ATOM   340 C C5    . DA  B 1 5  ? -0.020  5.659   0.668   1.00 13.09 ? 17 DA  B C5    1 
ATOM   341 C C6    . DA  B 1 5  ? -1.161  4.919   0.302   1.00 17.83 ? 17 DA  B C6    1 
ATOM   342 N N6    . DA  B 1 5  ? -1.447  4.583   -0.948  1.00 20.93 ? 17 DA  B N6    1 
ATOM   343 N N1    . DA  B 1 5  ? -2.035  4.606   1.307   1.00 20.21 ? 17 DA  B N1    1 
ATOM   344 C C2    . DA  B 1 5  ? -1.776  4.978   2.596   1.00 16.29 ? 17 DA  B C2    1 
ATOM   345 N N3    . DA  B 1 5  ? -0.711  5.675   2.999   1.00 23.30 ? 17 DA  B N3    1 
ATOM   346 C C4    . DA  B 1 5  ? 0.105   6.013   1.979   1.00 17.25 ? 17 DA  B C4    1 
ATOM   347 P P     . DA  B 1 6  ? 4.122   6.650   6.866   1.00 35.53 ? 18 DA  B P     1 
ATOM   348 O OP1   . DA  B 1 6  ? 4.106   7.329   8.131   1.00 38.11 ? 18 DA  B OP1   1 
ATOM   349 O OP2   . DA  B 1 6  ? 5.304   6.491   6.045   1.00 27.16 ? 18 DA  B OP2   1 
ATOM   350 O "O5'" . DA  B 1 6  ? 3.156   5.319   6.919   1.00 33.64 ? 18 DA  B "O5'" 1 
ATOM   351 C "C5'" . DA  B 1 6  ? 1.739   5.644   7.027   1.00 32.53 ? 18 DA  B "C5'" 1 
ATOM   352 C "C4'" . DA  B 1 6  ? 1.007   4.323   6.850   1.00 29.91 ? 18 DA  B "C4'" 1 
ATOM   353 O "O4'" . DA  B 1 6  ? 0.735   4.085   5.483   1.00 27.06 ? 18 DA  B "O4'" 1 
ATOM   354 C "C3'" . DA  B 1 6  ? 1.800   3.112   7.343   1.00 31.88 ? 18 DA  B "C3'" 1 
ATOM   355 O "O3'" . DA  B 1 6  ? 0.979   2.301   8.183   1.00 43.37 ? 18 DA  B "O3'" 1 
ATOM   356 C "C2'" . DA  B 1 6  ? 2.259   2.432   6.054   1.00 23.51 ? 18 DA  B "C2'" 1 
ATOM   357 C "C1'" . DA  B 1 6  ? 1.093   2.734   5.131   1.00 19.67 ? 18 DA  B "C1'" 1 
ATOM   358 N N9    . DA  B 1 6  ? 1.382   2.644   3.694   1.00 14.51 ? 18 DA  B N9    1 
ATOM   359 C C8    . DA  B 1 6  ? 2.480   3.010   2.968   1.00 10.83 ? 18 DA  B C8    1 
ATOM   360 N N7    . DA  B 1 6  ? 2.359   2.842   1.682   1.00 7.90  ? 18 DA  B N7    1 
ATOM   361 C C5    . DA  B 1 6  ? 1.051   2.358   1.532   1.00 13.90 ? 18 DA  B C5    1 
ATOM   362 C C6    . DA  B 1 6  ? 0.316   1.953   0.390   1.00 14.50 ? 18 DA  B C6    1 
ATOM   363 N N6    . DA  B 1 6  ? 0.742   1.992   -0.877  1.00 19.44 ? 18 DA  B N6    1 
ATOM   364 N N1    . DA  B 1 6  ? -0.934  1.446   0.626   1.00 14.76 ? 18 DA  B N1    1 
ATOM   365 C C2    . DA  B 1 6  ? -1.413  1.387   1.905   1.00 20.01 ? 18 DA  B C2    1 
ATOM   366 N N3    . DA  B 1 6  ? -0.790  1.787   3.020   1.00 14.89 ? 18 DA  B N3    1 
ATOM   367 C C4    . DA  B 1 6  ? 0.459   2.204   2.756   1.00 11.74 ? 18 DA  B C4    1 
ATOM   368 P P     . DT  B 1 7  ? 1.222   1.038   9.091   1.00 46.71 ? 19 DT  B P     1 
ATOM   369 O OP1   . DT  B 1 7  ? 0.759   1.478   10.463  1.00 52.38 ? 19 DT  B OP1   1 
ATOM   370 O OP2   . DT  B 1 7  ? 2.592   0.603   8.703   1.00 44.71 ? 19 DT  B OP2   1 
ATOM   371 O "O5'" . DT  B 1 7  ? 0.166   -0.126  8.732   1.00 43.25 ? 19 DT  B "O5'" 1 
ATOM   372 C "C5'" . DT  B 1 7  ? 0.060   -0.155  7.280   1.00 45.08 ? 19 DT  B "C5'" 1 
ATOM   373 C "C4'" . DT  B 1 7  ? -1.139  -1.013  6.970   1.00 41.57 ? 19 DT  B "C4'" 1 
ATOM   374 O "O4'" . DT  B 1 7  ? -1.330  -1.010  5.565   1.00 31.63 ? 19 DT  B "O4'" 1 
ATOM   375 C "C3'" . DT  B 1 7  ? -1.020  -2.510  7.284   1.00 39.41 ? 19 DT  B "C3'" 1 
ATOM   376 O "O3'" . DT  B 1 7  ? -2.263  -3.180  7.091   1.00 39.59 ? 19 DT  B "O3'" 1 
ATOM   377 C "C2'" . DT  B 1 7  ? 0.057   -2.808  6.243   1.00 36.26 ? 19 DT  B "C2'" 1 
ATOM   378 C "C1'" . DT  B 1 7  ? -0.640  -2.166  5.037   1.00 32.64 ? 19 DT  B "C1'" 1 
ATOM   379 N N1    . DT  B 1 7  ? 0.291   -1.801  3.967   1.00 27.10 ? 19 DT  B N1    1 
ATOM   380 C C2    . DT  B 1 7  ? -0.135  -2.023  2.656   1.00 25.38 ? 19 DT  B C2    1 
ATOM   381 O O2    . DT  B 1 7  ? -1.253  -2.521  2.460   1.00 25.90 ? 19 DT  B O2    1 
ATOM   382 N N3    . DT  B 1 7  ? 0.716   -1.733  1.624   1.00 19.83 ? 19 DT  B N3    1 
ATOM   383 C C4    . DT  B 1 7  ? 1.957   -1.203  1.845   1.00 21.67 ? 19 DT  B C4    1 
ATOM   384 O O4    . DT  B 1 7  ? 2.695   -0.909  0.841   1.00 14.18 ? 19 DT  B O4    1 
ATOM   385 C C5    . DT  B 1 7  ? 2.349   -0.977  3.193   1.00 21.68 ? 19 DT  B C5    1 
ATOM   386 C C7    . DT  B 1 7  ? 3.696   -0.401  3.539   1.00 30.04 ? 19 DT  B C7    1 
ATOM   387 C C6    . DT  B 1 7  ? 1.516   -1.260  4.209   1.00 23.95 ? 19 DT  B C6    1 
ATOM   388 P P     . DT  B 1 8  ? -2.505  -4.704  7.514   1.00 47.97 ? 20 DT  B P     1 
ATOM   389 O OP1   . DT  B 1 8  ? -3.538  -5.128  8.440   1.00 43.62 ? 20 DT  B OP1   1 
ATOM   390 O OP2   . DT  B 1 8  ? -1.049  -4.855  7.989   1.00 43.99 ? 20 DT  B OP2   1 
ATOM   391 O "O5'" . DT  B 1 8  ? -2.746  -5.478  6.111   1.00 40.43 ? 20 DT  B "O5'" 1 
ATOM   392 C "C5'" . DT  B 1 8  ? -3.962  -5.522  5.308   1.00 27.58 ? 20 DT  B "C5'" 1 
ATOM   393 C "C4'" . DT  B 1 8  ? -3.590  -6.381  4.112   1.00 28.33 ? 20 DT  B "C4'" 1 
ATOM   394 O "O4'" . DT  B 1 8  ? -2.697  -5.593  3.315   1.00 26.74 ? 20 DT  B "O4'" 1 
ATOM   395 C "C3'" . DT  B 1 8  ? -2.896  -7.692  4.431   1.00 28.69 ? 20 DT  B "C3'" 1 
ATOM   396 O "O3'" . DT  B 1 8  ? -3.187  -8.835  3.625   1.00 36.57 ? 20 DT  B "O3'" 1 
ATOM   397 C "C2'" . DT  B 1 8  ? -1.409  -7.278  4.259   1.00 30.09 ? 20 DT  B "C2'" 1 
ATOM   398 C "C1'" . DT  B 1 8  ? -1.558  -6.410  3.004   1.00 28.78 ? 20 DT  B "C1'" 1 
ATOM   399 N N1    . DT  B 1 8  ? -0.286  -5.743  2.692   1.00 29.14 ? 20 DT  B N1    1 
ATOM   400 C C2    . DT  B 1 8  ? -0.021  -5.533  1.332   1.00 28.81 ? 20 DT  B C2    1 
ATOM   401 O O2    . DT  B 1 8  ? -0.856  -5.848  0.486   1.00 31.39 ? 20 DT  B O2    1 
ATOM   402 N N3    . DT  B 1 8  ? 1.183   -4.999  0.938   1.00 25.74 ? 20 DT  B N3    1 
ATOM   403 C C4    . DT  B 1 8  ? 2.120   -4.680  1.894   1.00 28.33 ? 20 DT  B C4    1 
ATOM   404 O O4    . DT  B 1 8  ? 3.198   -4.152  1.499   1.00 29.29 ? 20 DT  B O4    1 
ATOM   405 C C5    . DT  B 1 8  ? 1.841   -4.918  3.276   1.00 28.24 ? 20 DT  B C5    1 
ATOM   406 C C7    . DT  B 1 8  ? 2.879   -4.628  4.327   1.00 32.24 ? 20 DT  B C7    1 
ATOM   407 C C6    . DT  B 1 8  ? 0.659   -5.439  3.616   1.00 27.51 ? 20 DT  B C6    1 
ATOM   408 P P     . DG  B 1 9  ? -4.374  -9.855  3.237   1.00 37.12 ? 21 DG  B P     1 
ATOM   409 O OP1   . DG  B 1 9  ? -5.648  -9.163  3.640   1.00 46.90 ? 21 DG  B OP1   1 
ATOM   410 O OP2   . DG  B 1 9  ? -4.281  -11.085 4.004   1.00 44.03 ? 21 DG  B OP2   1 
ATOM   411 O "O5'" . DG  B 1 9  ? -4.263  -10.103 1.654   1.00 40.55 ? 21 DG  B "O5'" 1 
ATOM   412 C "C5'" . DG  B 1 9  ? -4.160  -9.017  0.689   1.00 32.60 ? 21 DG  B "C5'" 1 
ATOM   413 C "C4'" . DG  B 1 9  ? -3.066  -9.363  -0.255  1.00 28.75 ? 21 DG  B "C4'" 1 
ATOM   414 O "O4'" . DG  B 1 9  ? -1.822  -8.741  0.074   1.00 22.85 ? 21 DG  B "O4'" 1 
ATOM   415 C "C3'" . DG  B 1 9  ? -2.720  -10.866 -0.292  1.00 33.97 ? 21 DG  B "C3'" 1 
ATOM   416 O "O3'" . DG  B 1 9  ? -3.302  -11.482 -1.445  1.00 44.71 ? 21 DG  B "O3'" 1 
ATOM   417 C "C2'" . DG  B 1 9  ? -1.189  -10.892 -0.283  1.00 28.17 ? 21 DG  B "C2'" 1 
ATOM   418 C "C1'" . DG  B 1 9  ? -0.937  -9.516  -0.849  1.00 27.27 ? 21 DG  B "C1'" 1 
ATOM   419 N N9    . DG  B 1 9  ? 0.400   -8.993  -0.839  1.00 26.96 ? 21 DG  B N9    1 
ATOM   420 C C8    . DG  B 1 9  ? 1.193   -8.473  -1.827  1.00 26.54 ? 21 DG  B C8    1 
ATOM   421 N N7    . DG  B 1 9  ? 2.348   -7.998  -1.414  1.00 19.43 ? 21 DG  B N7    1 
ATOM   422 C C5    . DG  B 1 9  ? 2.309   -8.192  -0.052  1.00 25.04 ? 21 DG  B C5    1 
ATOM   423 C C6    . DG  B 1 9  ? 3.215   -7.852  0.981   1.00 29.08 ? 21 DG  B C6    1 
ATOM   424 O O6    . DG  B 1 9  ? 4.318   -7.322  0.823   1.00 32.06 ? 21 DG  B O6    1 
ATOM   425 N N1    . DG  B 1 9  ? 2.825   -8.210  2.252   1.00 27.39 ? 21 DG  B N1    1 
ATOM   426 C C2    . DG  B 1 9  ? 1.621   -8.805  2.477   1.00 33.16 ? 21 DG  B C2    1 
ATOM   427 N N2    . DG  B 1 9  ? 1.334   -9.108  3.758   1.00 32.16 ? 21 DG  B N2    1 
ATOM   428 N N3    . DG  B 1 9  ? 0.720   -9.140  1.545   1.00 28.40 ? 21 DG  B N3    1 
ATOM   429 C C4    . DG  B 1 9  ? 1.139   -8.810  0.321   1.00 28.25 ? 21 DG  B C4    1 
ATOM   430 P P     . DG  B 1 10 ? -3.482  -13.058 -1.734  1.00 51.28 ? 22 DG  B P     1 
ATOM   431 O OP1   . DG  B 1 10 ? -4.709  -13.491 -2.416  1.00 43.27 ? 22 DG  B OP1   1 
ATOM   432 O OP2   . DG  B 1 10 ? -3.457  -13.581 -0.315  1.00 47.58 ? 22 DG  B OP2   1 
ATOM   433 O "O5'" . DG  B 1 10 ? -2.099  -13.315 -2.485  1.00 47.76 ? 22 DG  B "O5'" 1 
ATOM   434 C "C5'" . DG  B 1 10 ? -1.894  -13.172 -3.898  1.00 44.00 ? 22 DG  B "C5'" 1 
ATOM   435 C "C4'" . DG  B 1 10 ? -0.424  -13.441 -4.171  1.00 42.56 ? 22 DG  B "C4'" 1 
ATOM   436 O "O4'" . DG  B 1 10 ? 0.370   -12.543 -3.387  1.00 42.77 ? 22 DG  B "O4'" 1 
ATOM   437 C "C3'" . DG  B 1 10 ? 0.106   -14.823 -3.840  1.00 41.20 ? 22 DG  B "C3'" 1 
ATOM   438 O "O3'" . DG  B 1 10 ? 1.006   -15.314 -4.833  1.00 46.98 ? 22 DG  B "O3'" 1 
ATOM   439 C "C2'" . DG  B 1 10 ? 0.836   -14.606 -2.505  1.00 37.78 ? 22 DG  B "C2'" 1 
ATOM   440 C "C1'" . DG  B 1 10 ? 1.497   -13.268 -2.895  1.00 33.49 ? 22 DG  B "C1'" 1 
ATOM   441 N N9    . DG  B 1 10 ? 2.202   -12.712 -1.745  1.00 30.57 ? 22 DG  B N9    1 
ATOM   442 C C8    . DG  B 1 10 ? 1.956   -12.909 -0.402  1.00 27.78 ? 22 DG  B C8    1 
ATOM   443 N N7    . DG  B 1 10 ? 2.807   -12.286 0.399   1.00 25.82 ? 22 DG  B N7    1 
ATOM   444 C C5    . DG  B 1 10 ? 3.691   -11.683 -0.507  1.00 22.45 ? 22 DG  B C5    1 
ATOM   445 C C6    . DG  B 1 10 ? 4.848   -10.881 -0.280  1.00 22.67 ? 22 DG  B C6    1 
ATOM   446 O O6    . DG  B 1 10 ? 5.284   -10.581 0.816   1.00 24.93 ? 22 DG  B O6    1 
ATOM   447 N N1    . DG  B 1 10 ? 5.478   -10.442 -1.419  1.00 22.97 ? 22 DG  B N1    1 
ATOM   448 C C2    . DG  B 1 10 ? 5.022   -10.749 -2.672  1.00 22.55 ? 22 DG  B C2    1 
ATOM   449 N N2    . DG  B 1 10 ? 5.800   -10.246 -3.630  1.00 27.58 ? 22 DG  B N2    1 
ATOM   450 N N3    . DG  B 1 10 ? 3.959   -11.479 -2.931  1.00 24.03 ? 22 DG  B N3    1 
ATOM   451 C C4    . DG  B 1 10 ? 3.330   -11.911 -1.813  1.00 25.57 ? 22 DG  B C4    1 
ATOM   452 P P     . DC  B 1 11 ? 0.753   -16.110 -6.207  1.00 50.53 ? 23 DC  B P     1 
ATOM   453 O OP1   . DC  B 1 11 ? -0.436  -15.640 -6.989  1.00 48.56 ? 23 DC  B OP1   1 
ATOM   454 O OP2   . DC  B 1 11 ? 0.694   -17.506 -5.573  1.00 45.09 ? 23 DC  B OP2   1 
ATOM   455 O "O5'" . DC  B 1 11 ? 2.037   -15.783 -7.122  1.00 43.39 ? 23 DC  B "O5'" 1 
ATOM   456 C "C5'" . DC  B 1 11 ? 2.228   -14.492 -7.754  1.00 39.09 ? 23 DC  B "C5'" 1 
ATOM   457 C "C4'" . DC  B 1 11 ? 3.702   -14.460 -8.111  1.00 39.91 ? 23 DC  B "C4'" 1 
ATOM   458 O "O4'" . DC  B 1 11 ? 4.452   -13.860 -7.065  1.00 42.16 ? 23 DC  B "O4'" 1 
ATOM   459 C "C3'" . DC  B 1 11 ? 4.360   -15.822 -8.254  1.00 41.19 ? 23 DC  B "C3'" 1 
ATOM   460 O "O3'" . DC  B 1 11 ? 5.585   -15.810 -8.977  1.00 43.94 ? 23 DC  B "O3'" 1 
ATOM   461 C "C2'" . DC  B 1 11 ? 4.617   -16.174 -6.781  1.00 38.87 ? 23 DC  B "C2'" 1 
ATOM   462 C "C1'" . DC  B 1 11 ? 5.224   -14.824 -6.357  1.00 33.61 ? 23 DC  B "C1'" 1 
ATOM   463 N N1    . DC  B 1 11 ? 5.182   -14.775 -4.879  1.00 26.71 ? 23 DC  B N1    1 
ATOM   464 C C2    . DC  B 1 11 ? 6.146   -14.007 -4.259  1.00 20.54 ? 23 DC  B C2    1 
ATOM   465 O O2    . DC  B 1 11 ? 6.962   -13.333 -4.885  1.00 20.58 ? 23 DC  B O2    1 
ATOM   466 N N3    . DC  B 1 11 ? 6.157   -14.009 -2.916  1.00 14.63 ? 23 DC  B N3    1 
ATOM   467 C C4    . DC  B 1 11 ? 5.265   -14.711 -2.168  1.00 21.59 ? 23 DC  B C4    1 
ATOM   468 N N4    . DC  B 1 11 ? 5.363   -14.603 -0.825  1.00 25.15 ? 23 DC  B N4    1 
ATOM   469 C C5    . DC  B 1 11 ? 4.269   -15.501 -2.801  1.00 22.37 ? 23 DC  B C5    1 
ATOM   470 C C6    . DC  B 1 11 ? 4.298   -15.505 -4.145  1.00 25.02 ? 23 DC  B C6    1 
ATOM   471 P P     . DG  B 1 12 ? 6.143   -17.297 -9.436  1.00 41.81 ? 24 DG  B P     1 
ATOM   472 O OP1   . DG  B 1 12 ? 5.050   -17.587 -10.380 1.00 33.70 ? 24 DG  B OP1   1 
ATOM   473 O OP2   . DG  B 1 12 ? 6.023   -18.269 -8.282  1.00 42.73 ? 24 DG  B OP2   1 
ATOM   474 O "O5'" . DG  B 1 12 ? 7.666   -16.965 -9.633  1.00 41.43 ? 24 DG  B "O5'" 1 
ATOM   475 C "C5'" . DG  B 1 12 ? 8.305   -15.724 -10.005 1.00 35.04 ? 24 DG  B "C5'" 1 
ATOM   476 C "C4'" . DG  B 1 12 ? 9.552   -15.581 -9.151  1.00 32.68 ? 24 DG  B "C4'" 1 
ATOM   477 O "O4'" . DG  B 1 12 ? 9.218   -15.118 -7.847  1.00 33.51 ? 24 DG  B "O4'" 1 
ATOM   478 C "C3'" . DG  B 1 12 ? 10.337  -16.866 -8.953  1.00 29.95 ? 24 DG  B "C3'" 1 
ATOM   479 O "O3'" . DG  B 1 12 ? 11.748  -16.676 -8.913  1.00 30.93 ? 24 DG  B "O3'" 1 
ATOM   480 C "C2'" . DG  B 1 12 ? 9.825   -17.329 -7.608  1.00 31.74 ? 24 DG  B "C2'" 1 
ATOM   481 C "C1'" . DG  B 1 12 ? 9.831   -15.953 -6.859  1.00 32.09 ? 24 DG  B "C1'" 1 
ATOM   482 N N9    . DG  B 1 12 ? 9.150   -16.269 -5.611  1.00 26.81 ? 24 DG  B N9    1 
ATOM   483 C C8    . DG  B 1 12 ? 8.001   -17.036 -5.560  1.00 28.38 ? 24 DG  B C8    1 
ATOM   484 N N7    . DG  B 1 12 ? 7.562   -17.282 -4.366  1.00 29.62 ? 24 DG  B N7    1 
ATOM   485 C C5    . DG  B 1 12 ? 8.514   -16.660 -3.554  1.00 24.34 ? 24 DG  B C5    1 
ATOM   486 C C6    . DG  B 1 12 ? 8.590   -16.572 -2.138  1.00 23.68 ? 24 DG  B C6    1 
ATOM   487 O O6    . DG  B 1 12 ? 7.756   -17.073 -1.383  1.00 26.21 ? 24 DG  B O6    1 
ATOM   488 N N1    . DG  B 1 12 ? 9.663   -15.865 -1.690  1.00 21.73 ? 24 DG  B N1    1 
ATOM   489 C C2    . DG  B 1 12 ? 10.571  -15.288 -2.514  1.00 21.55 ? 24 DG  B C2    1 
ATOM   490 N N2    . DG  B 1 12 ? 11.603  -14.626 -1.939  1.00 23.93 ? 24 DG  B N2    1 
ATOM   491 N N3    . DG  B 1 12 ? 10.523  -15.330 -3.836  1.00 20.87 ? 24 DG  B N3    1 
ATOM   492 C C4    . DG  B 1 12 ? 9.493   -16.057 -4.303  1.00 24.21 ? 24 DG  B C4    1 
HETATM 493 O O     . HOH C 2 .  ? -4.104  21.255  3.837   1.00 20.34 ? 25 HOH A O     1 
HETATM 494 O O     . HOH C 2 .  ? -11.818 4.378   3.094   1.00 37.17 ? 27 HOH A O     1 
HETATM 495 O O     . HOH C 2 .  ? -8.956  5.224   -1.812  1.00 30.71 ? 29 HOH A O     1 
HETATM 496 O O     . HOH C 2 .  ? -4.555  -0.833  -8.798  1.00 36.04 ? 30 HOH A O     1 
HETATM 497 O O     . HOH C 2 .  ? -4.908  -3.100  -10.933 1.00 58.60 ? 31 HOH A O     1 
HETATM 498 O O     . HOH C 2 .  ? 7.529   -0.478  -3.628  1.00 30.34 ? 32 HOH A O     1 
HETATM 499 O O     . HOH C 2 .  ? 0.429   22.680  3.251   1.00 49.12 ? 36 HOH A O     1 
HETATM 500 O O     . HOH C 2 .  ? 11.525  -15.263 0.010   1.00 23.68 ? 37 HOH A O     1 
HETATM 501 O O     . HOH C 2 .  ? -1.546  -0.373  -8.574  1.00 28.31 ? 38 HOH A O     1 
HETATM 502 O O     . HOH C 2 .  ? 8.900   -6.983  -9.554  1.00 35.45 ? 39 HOH A O     1 
HETATM 503 O O     . HOH C 2 .  ? -7.061  20.286  4.824   1.00 45.20 ? 41 HOH A O     1 
HETATM 504 O O     . HOH C 2 .  ? 3.511   -5.328  -11.215 1.00 53.63 ? 42 HOH A O     1 
HETATM 505 O O     . HOH C 2 .  ? 9.934   -12.420 -5.560  1.00 43.14 ? 43 HOH A O     1 
HETATM 506 O O     . HOH C 2 .  ? -2.347  20.177  8.091   1.00 54.84 ? 44 HOH A O     1 
HETATM 507 O O     . HOH C 2 .  ? -2.705  3.314   7.042   1.00 44.74 ? 45 HOH A O     1 
HETATM 508 O O     . HOH C 2 .  ? 2.219   -1.543  -11.485 1.00 56.21 ? 46 HOH A O     1 
HETATM 509 O O     . HOH C 2 .  ? -7.793  -7.494  0.084   1.00 76.77 ? 51 HOH A O     1 
HETATM 510 O O     . HOH C 2 .  ? -8.944  -2.429  7.230   1.00 45.12 ? 52 HOH A O     1 
HETATM 511 O O     . HOH C 2 .  ? 0.238   9.398   15.736  1.00 60.03 ? 53 HOH A O     1 
HETATM 512 O O     . HOH C 2 .  ? -4.275  -1.864  1.958   1.00 47.77 ? 54 HOH A O     1 
HETATM 513 O O     . HOH C 2 .  ? -2.580  0.316   -10.852 1.00 44.82 ? 55 HOH A O     1 
HETATM 514 O O     . HOH C 2 .  ? 10.174  -18.719 0.583   1.00 42.40 ? 58 HOH A O     1 
HETATM 515 O O     . HOH C 2 .  ? 11.160  -10.671 0.511   1.00 45.22 ? 59 HOH A O     1 
HETATM 516 O O     . HOH C 2 .  ? -11.021 -1.610  7.952   1.00 42.97 ? 63 HOH A O     1 
HETATM 517 O O     . HOH C 2 .  ? -13.758 -0.831  5.065   1.00 67.07 ? 65 HOH A O     1 
HETATM 518 O O     . HOH C 2 .  ? -10.217 -3.946  3.036   1.00 33.61 ? 66 HOH A O     1 
HETATM 519 O O     . HOH C 2 .  ? 16.580  -6.004  -0.924  1.00 27.65 ? 68 HOH A O     1 
HETATM 520 O O     . HOH C 2 .  ? 7.940   -12.021 1.724   1.00 26.67 ? 69 HOH A O     1 
HETATM 521 O O     . HOH C 2 .  ? -8.820  12.059  10.111  1.00 58.42 ? 70 HOH A O     1 
HETATM 522 O O     . HOH C 2 .  ? 11.125  -7.394  5.354   1.00 58.02 ? 75 HOH A O     1 
HETATM 523 O O     . HOH C 2 .  ? 16.533  -7.520  5.125   1.00 44.27 ? 76 HOH A O     1 
HETATM 524 O O     . HOH C 2 .  ? -13.588 2.507   6.091   1.00 54.62 ? 77 HOH A O     1 
HETATM 525 O O     . HOH C 2 .  ? 2.818   1.247   -11.900 1.00 52.90 ? 78 HOH A O     1 
HETATM 526 O O     . HOH C 2 .  ? 6.756   -12.124 4.193   1.00 39.07 ? 79 HOH A O     1 
HETATM 527 O O     . HOH C 2 .  ? 5.613   -0.177  -12.849 1.00 41.51 ? 80 HOH A O     1 
HETATM 528 O O     . HOH C 2 .  ? 1.214   14.263  6.040   1.00 38.40 ? 81 HOH A O     1 
HETATM 529 O O     . HOH C 2 .  ? 8.120   -12.514 -11.407 1.00 42.28 ? 83 HOH A O     1 
HETATM 530 O O     . HOH C 2 .  ? 8.069   -9.056  -11.510 1.00 48.28 ? 84 HOH A O     1 
HETATM 531 O O     . HOH C 2 .  ? -0.994  16.912  2.085   1.00 40.38 ? 92 HOH A O     1 
HETATM 532 O O     . HOH C 2 .  ? -4.520  11.889  7.447   1.00 60.31 ? 93 HOH A O     1 
HETATM 533 O O     . HOH C 2 .  ? 2.874   0.321   -7.416  1.00 55.63 ? 94 HOH A O     1 
HETATM 534 O O     . HOH C 2 .  ? 14.154  -6.516  5.368   1.00 47.86 ? 96 HOH A O     1 
HETATM 535 O O     . HOH D 2 .  ? 6.434   11.497  3.887   1.00 32.62 ? 26 HOH B O     1 
HETATM 536 O O     . HOH D 2 .  ? 2.782   7.629   10.656  1.00 38.63 ? 28 HOH B O     1 
HETATM 537 O O     . HOH D 2 .  ? 1.681   -13.035 3.089   1.00 32.16 ? 33 HOH B O     1 
HETATM 538 O O     . HOH D 2 .  ? -3.243  -15.904 -6.916  1.00 45.20 ? 34 HOH B O     1 
HETATM 539 O O     . HOH D 2 .  ? 2.614   -17.793 -11.360 1.00 31.78 ? 35 HOH B O     1 
HETATM 540 O O     . HOH D 2 .  ? -3.037  -17.474 -4.055  1.00 58.77 ? 40 HOH B O     1 
HETATM 541 O O     . HOH D 2 .  ? -2.963  16.906  -8.233  1.00 31.54 ? 47 HOH B O     1 
HETATM 542 O O     . HOH D 2 .  ? 2.231   6.750   14.704  1.00 40.87 ? 48 HOH B O     1 
HETATM 543 O O     . HOH D 2 .  ? 5.073   3.333   9.630   1.00 48.09 ? 49 HOH B O     1 
HETATM 544 O O     . HOH D 2 .  ? 5.561   0.055   0.217   1.00 40.68 ? 50 HOH B O     1 
HETATM 545 O O     . HOH D 2 .  ? -5.418  -5.367  0.853   1.00 39.57 ? 56 HOH B O     1 
HETATM 546 O O     . HOH D 2 .  ? -6.006  -10.233 7.557   1.00 36.46 ? 57 HOH B O     1 
HETATM 547 O O     . HOH D 2 .  ? 6.910   -12.873 -2.264  1.00 34.65 ? 60 HOH B O     1 
HETATM 548 O O     . HOH D 2 .  ? 8.727   8.852   0.702   1.00 66.74 ? 61 HOH B O     1 
HETATM 549 O O     . HOH D 2 .  ? 4.667   10.228  -3.254  1.00 37.85 ? 62 HOH B O     1 
HETATM 550 O O     . HOH D 2 .  ? 10.665  10.028  4.017   1.00 50.19 ? 64 HOH B O     1 
HETATM 551 O O     . HOH D 2 .  ? -3.528  12.694  -5.133  1.00 35.35 ? 67 HOH B O     1 
HETATM 552 O O     . HOH D 2 .  ? -2.571  14.962  -9.584  1.00 38.63 ? 71 HOH B O     1 
HETATM 553 O O     . HOH D 2 .  ? -6.503  9.860   -6.724  1.00 54.58 ? 72 HOH B O     1 
HETATM 554 O O     . HOH D 2 .  ? 0.117   13.958  -9.377  1.00 42.18 ? 73 HOH B O     1 
HETATM 555 O O     . HOH D 2 .  ? 5.754   3.898   4.386   1.00 64.99 ? 74 HOH B O     1 
HETATM 556 O O     . HOH D 2 .  ? 0.519   5.865   -2.597  1.00 45.58 ? 82 HOH B O     1 
HETATM 557 O O     . HOH D 2 .  ? -13.937 18.031  -5.129  1.00 61.87 ? 85 HOH B O     1 
HETATM 558 O O     . HOH D 2 .  ? -14.906 11.384  -0.569  1.00 45.96 ? 86 HOH B O     1 
HETATM 559 O O     . HOH D 2 .  ? 4.505   3.381   13.185  1.00 47.23 ? 87 HOH B O     1 
HETATM 560 O O     . HOH D 2 .  ? -4.868  -5.857  11.879  1.00 56.94 ? 88 HOH B O     1 
HETATM 561 O O     . HOH D 2 .  ? -7.870  -7.908  4.211   1.00 42.39 ? 89 HOH B O     1 
HETATM 562 O O     . HOH D 2 .  ? 2.942   -7.573  7.100   1.00 58.72 ? 90 HOH B O     1 
HETATM 563 O O     . HOH D 2 .  ? 5.617   -7.707  8.651   1.00 49.72 ? 91 HOH B O     1 
HETATM 564 O O     . HOH D 2 .  ? -8.289  -10.860 1.684   1.00 56.89 ? 95 HOH B O     1 
# 
